data_7ZAY
#
_entry.id   7ZAY
#
_cell.length_a   1.00
_cell.length_b   1.00
_cell.length_c   1.00
_cell.angle_alpha   90.00
_cell.angle_beta   90.00
_cell.angle_gamma   90.00
#
_symmetry.space_group_name_H-M   'P 1'
#
loop_
_entity.id
_entity.type
_entity.pdbx_description
1 polymer Exostosin-1
2 polymer Exostosin-2
3 branched beta-D-mannopyranose-(1-4)-2-acetamido-2-deoxy-beta-D-glucopyranose-(1-4)-2-acetamido-2-deoxy-beta-D-glucopyranose
4 non-polymer 2-acetamido-2-deoxy-beta-D-glucopyranose
5 non-polymer "URIDINE-5'-DIPHOSPHATE"
#
loop_
_entity_poly.entity_id
_entity_poly.type
_entity_poly.pdbx_seq_one_letter_code
_entity_poly.pdbx_strand_id
1 'polypeptide(L)'
;GASRASRSHSRREEHSGRNGLHHPSPDHFWPRFPDALRPFVPWDQLENEDSSVHISPRQKRDANSSIYKGKKCRMESCFD
FTLCKKNGFKVYVYPQQKGEKIAESYQNILAAIEGSRFYTSDPSQACLFVLSLDTLDRDQLSPQYVHNLRSKVQSLHLWN
NGRNHLIFNLYSGTWPDYTEDVGFDIGQAMLAKASISTENFRPNFDVSIPLFSKDHPRTGGERGFLKFNTIPPLRKYMLV
FKGKRYLTGIGSDTRNALYHVHNGEDVVLLTTCKHGKDWQKHKDSRCDRDNTEYEKYDYREMLHNATFCLVPRGRRLGSF
RFLEALQAACVPVMLSNGWELPFSEVINWNQAAVIGDERLLLQIPSTIRSIHQDKILALRQQTQFLWEAYFSSVEKIVLT
TLEIIQDRIFKHISRNSLIWNKHPGGLFVLPQYSSYLGDFPYYYANLGLKPPSKFTAVIHAVTPLVSQSQPVLKLLVAAA
KSQYCAQIIVLWNCDKPLPAKHRWPATAVPVVVIEGESKVMSSRFLPYDNIITDAVLSLDEDTVLSTTEVDFAFTVWQSF
PERIVGYPARSHFWDNSKERWGYTSKWTNDYSMVLTGAAIYHKYYHYLYSHYLPASLKNMVDQLANCEDILMNFLVSAVT
KLPPIKVTQKKQYKETMMGQTSRASRWADPDHFAQRQSCMNTFASWFGYMPLIHSQMRLDPVLFKDQVSILRKKYRDIER
LNNNNNNGHHHHHHHH
;
A
2 'polypeptide(L)'
;GASPHSIESSNDWNVEKRSIRDVPVVRLPADSPIPERGDLSCRMHTCFDVYRCGFNPKNKIKVYIYALKKYVDDFGVSVS
NTISREYNELLMAISDSDYYTDDINRACLFVPSIDVLNQNTLRIKETAQAMAQLSRWDRGTNHLLFNMLPGGPPDYNTAL
DVPRDRALLAGGGFSTWTYRQGYDVSIPVYSPLSAEVDLPEKGPGPRQYFLLSSQVGLHPEYREDLEALQVKHGESVLVL
DKCTNLSEGVLSVRKRCHKHQVFDYPQVLQEATFCVVLRGARLGQAVLSDVLQAGCVPVVIADSYILPFSEVLDWKRASV
VVPEEKMSDVYSILQSIPQRQIEEMQRQARWFWEAYFQSIKAIALATLQIINDRIYPYAAISYEEWNDPPAVKWGSVSNP
LFLPLIPPQSQGFTAIVLTYDRVESLFRVITEVSKVPSLSKLLVVWNNQNKNPPEDSLWPKIRVPLKVVRTAENKLSNRF
FPYDEIETEAVLAIDDDIIMLTSDELQFGYEVWREFPDRLVGYPGRLHLWDHEMNKWKYESEWTNEVSMVLTGAAFYHKY
FNYLYTYKMPGDIKNWVDAHMNCEDIAMNFLVANVTGKAVIKVTPRKKFKCPECTAIDGLSLDQTHMVERSECINKFASV
FGTMPLKVVEHRADPVLYKDDFPEKLKSFPNIGSLNNNNNNGHHHHHHHH
;
B
#
loop_
_chem_comp.id
_chem_comp.type
_chem_comp.name
_chem_comp.formula
BMA D-saccharide, beta linking beta-D-mannopyranose 'C6 H12 O6'
NAG D-saccharide, beta linking 2-acetamido-2-deoxy-beta-D-glucopyranose 'C8 H15 N O6'
UDP RNA linking URIDINE-5'-DIPHOSPHATE 'C9 H14 N2 O12 P2'
#
# COMPACT_ATOMS: atom_id res chain seq x y z
N ASN A 64 3.02 37.50 3.33
CA ASN A 64 1.77 37.82 2.65
C ASN A 64 1.51 36.83 1.50
N SER A 65 0.26 36.42 1.37
CA SER A 65 -0.14 35.45 0.34
C SER A 65 -1.45 35.87 -0.31
N SER A 66 -1.61 37.18 -0.53
CA SER A 66 -2.84 37.69 -1.13
C SER A 66 -3.02 37.19 -2.55
N ILE A 67 -1.92 37.15 -3.33
CA ILE A 67 -2.02 36.77 -4.73
C ILE A 67 -2.35 35.29 -4.89
N TYR A 68 -1.93 34.46 -3.93
CA TYR A 68 -2.08 33.01 -4.04
C TYR A 68 -3.33 32.55 -3.31
N LYS A 69 -4.48 32.94 -3.87
CA LYS A 69 -5.78 32.55 -3.35
C LYS A 69 -6.72 32.24 -4.49
N GLY A 70 -7.77 31.49 -4.19
CA GLY A 70 -8.73 31.07 -5.21
C GLY A 70 -8.35 29.70 -5.78
N LYS A 71 -8.20 29.64 -7.11
CA LYS A 71 -7.76 28.41 -7.75
C LYS A 71 -6.36 28.00 -7.28
N LYS A 72 -5.54 28.98 -6.93
CA LYS A 72 -4.18 28.73 -6.47
C LYS A 72 -4.09 28.56 -4.96
N CYS A 73 -5.17 28.18 -4.31
CA CYS A 73 -5.15 28.00 -2.86
C CYS A 73 -4.36 26.74 -2.49
N ARG A 74 -3.53 26.87 -1.47
CA ARG A 74 -2.77 25.76 -0.90
C ARG A 74 -2.85 25.84 0.61
N MET A 75 -2.31 24.82 1.28
CA MET A 75 -2.38 24.78 2.74
C MET A 75 -1.53 25.86 3.39
N GLU A 76 -0.59 26.45 2.66
CA GLU A 76 0.28 27.48 3.20
C GLU A 76 -0.25 28.88 2.97
N SER A 77 -1.38 29.02 2.26
CA SER A 77 -1.97 30.33 2.00
C SER A 77 -3.45 30.41 2.29
N CYS A 78 -4.16 29.28 2.39
CA CYS A 78 -5.60 29.27 2.57
C CYS A 78 -6.01 28.32 3.70
N PHE A 79 -5.15 28.15 4.70
CA PHE A 79 -5.44 27.26 5.82
C PHE A 79 -4.69 27.76 7.04
N ASP A 80 -5.44 28.10 8.09
CA ASP A 80 -4.86 28.65 9.32
C ASP A 80 -4.45 27.51 10.23
N PHE A 81 -3.14 27.33 10.42
CA PHE A 81 -2.63 26.26 11.26
C PHE A 81 -2.71 26.58 12.75
N THR A 82 -2.94 27.84 13.11
CA THR A 82 -3.06 28.19 14.53
C THR A 82 -4.28 27.53 15.16
N LEU A 83 -5.40 27.46 14.43
CA LEU A 83 -6.59 26.80 14.95
C LEU A 83 -6.33 25.31 15.17
N CYS A 84 -5.64 24.66 14.24
CA CYS A 84 -5.33 23.23 14.36
C CYS A 84 -4.20 23.08 15.36
N LYS A 85 -4.58 22.89 16.62
CA LYS A 85 -3.64 22.81 17.73
C LYS A 85 -3.25 21.34 17.92
N LYS A 86 -2.56 21.02 19.02
CA LYS A 86 -2.15 19.65 19.29
C LYS A 86 -3.34 18.71 19.49
N ASN A 87 -4.52 19.25 19.83
CA ASN A 87 -5.70 18.41 20.03
C ASN A 87 -5.95 17.50 18.83
N GLY A 88 -5.85 18.05 17.63
CA GLY A 88 -5.84 17.24 16.43
C GLY A 88 -7.12 17.19 15.63
N PHE A 89 -7.19 18.00 14.58
CA PHE A 89 -8.18 17.91 13.52
C PHE A 89 -9.60 17.75 14.06
N LYS A 90 -10.06 18.77 14.78
CA LYS A 90 -11.46 18.83 15.18
C LYS A 90 -12.29 19.46 14.07
N VAL A 91 -13.46 18.86 13.81
CA VAL A 91 -14.33 19.28 12.72
C VAL A 91 -15.66 19.73 13.30
N TYR A 92 -16.12 20.91 12.90
CA TYR A 92 -17.38 21.49 13.37
C TYR A 92 -18.41 21.42 12.25
N VAL A 93 -19.57 20.87 12.57
CA VAL A 93 -20.71 20.85 11.66
C VAL A 93 -21.67 21.96 12.06
N TYR A 94 -22.22 22.66 11.08
CA TYR A 94 -23.19 23.69 11.34
C TYR A 94 -24.51 23.08 11.80
N PRO A 95 -25.32 23.81 12.56
CA PRO A 95 -26.66 23.33 12.88
C PRO A 95 -27.53 23.24 11.64
N GLN A 96 -28.43 22.25 11.64
CA GLN A 96 -29.33 22.04 10.52
C GLN A 96 -30.53 22.95 10.66
N GLN A 97 -30.59 24.02 9.86
CA GLN A 97 -31.70 24.93 9.89
C GLN A 97 -32.97 24.25 9.38
N LYS A 98 -34.09 24.54 10.04
CA LYS A 98 -35.36 23.92 9.68
C LYS A 98 -35.81 24.40 8.31
N GLY A 99 -36.58 23.55 7.62
CA GLY A 99 -37.07 23.88 6.30
C GLY A 99 -35.99 23.98 5.24
N GLU A 100 -35.00 23.10 5.28
CA GLU A 100 -33.92 23.08 4.29
C GLU A 100 -33.86 21.71 3.63
N LYS A 101 -33.73 21.70 2.31
CA LYS A 101 -33.55 20.44 1.59
C LYS A 101 -32.25 19.77 2.01
N ILE A 102 -32.32 18.48 2.30
CA ILE A 102 -31.13 17.71 2.64
C ILE A 102 -31.32 16.27 2.17
N ALA A 103 -30.40 15.81 1.31
CA ALA A 103 -30.53 14.49 0.72
C ALA A 103 -30.19 13.40 1.74
N GLU A 104 -30.61 12.18 1.41
CA GLU A 104 -30.25 11.03 2.26
C GLU A 104 -28.74 10.82 2.29
N SER A 105 -28.07 11.00 1.16
CA SER A 105 -26.62 10.82 1.12
C SER A 105 -25.92 11.84 2.02
N TYR A 106 -26.35 13.10 1.98
CA TYR A 106 -25.74 14.09 2.85
C TYR A 106 -26.08 13.84 4.31
N GLN A 107 -27.27 13.30 4.59
CA GLN A 107 -27.57 12.88 5.96
C GLN A 107 -26.59 11.80 6.41
N ASN A 108 -26.29 10.84 5.52
CA ASN A 108 -25.32 9.80 5.86
C ASN A 108 -23.94 10.39 6.09
N ILE A 109 -23.52 11.33 5.25
CA ILE A 109 -22.20 11.95 5.41
C ILE A 109 -22.12 12.70 6.73
N LEU A 110 -23.13 13.52 7.02
CA LEU A 110 -23.13 14.28 8.26
C LEU A 110 -23.16 13.36 9.47
N ALA A 111 -23.97 12.30 9.44
CA ALA A 111 -24.02 11.36 10.55
C ALA A 111 -22.68 10.66 10.74
N ALA A 112 -22.00 10.32 9.64
CA ALA A 112 -20.67 9.74 9.75
C ALA A 112 -19.70 10.70 10.39
N ILE A 113 -19.82 12.00 10.07
CA ILE A 113 -18.97 13.00 10.71
C ILE A 113 -19.29 13.08 12.21
N GLU A 114 -20.57 13.05 12.57
CA GLU A 114 -20.95 13.13 13.98
C GLU A 114 -20.44 11.93 14.76
N GLY A 115 -20.54 10.73 14.18
CA GLY A 115 -20.09 9.53 14.85
C GLY A 115 -18.61 9.32 14.87
N SER A 116 -17.84 10.19 14.22
CA SER A 116 -16.39 10.10 14.23
C SER A 116 -15.83 10.77 15.48
N ARG A 117 -14.55 10.50 15.73
CA ARG A 117 -13.85 11.10 16.86
C ARG A 117 -13.44 12.55 16.61
N PHE A 118 -13.55 13.03 15.37
CA PHE A 118 -13.16 14.39 15.04
C PHE A 118 -14.27 15.40 15.25
N TYR A 119 -15.47 14.95 15.64
CA TYR A 119 -16.59 15.85 15.82
C TYR A 119 -16.40 16.71 17.07
N THR A 120 -16.76 17.99 16.95
CA THR A 120 -16.68 18.93 18.06
C THR A 120 -17.89 19.86 18.01
N SER A 121 -18.67 19.85 19.09
CA SER A 121 -19.87 20.69 19.15
C SER A 121 -19.53 22.18 19.24
N ASP A 122 -18.32 22.54 19.66
CA ASP A 122 -17.96 23.93 19.88
C ASP A 122 -17.24 24.48 18.66
N PRO A 123 -17.77 25.52 18.00
CA PRO A 123 -17.04 26.11 16.88
C PRO A 123 -15.73 26.76 17.31
N SER A 124 -15.66 27.28 18.54
CA SER A 124 -14.41 27.85 19.04
C SER A 124 -13.32 26.79 19.10
N GLN A 125 -13.66 25.61 19.63
CA GLN A 125 -12.70 24.50 19.77
C GLN A 125 -12.59 23.67 18.50
N ALA A 126 -12.81 24.25 17.33
CA ALA A 126 -12.69 23.54 16.07
C ALA A 126 -11.49 24.05 15.28
N CYS A 127 -11.05 23.23 14.33
CA CYS A 127 -10.06 23.65 13.34
C CYS A 127 -10.51 23.33 11.92
N LEU A 128 -11.78 22.98 11.72
CA LEU A 128 -12.33 22.75 10.40
C LEU A 128 -13.84 22.94 10.49
N PHE A 129 -14.46 23.23 9.35
CA PHE A 129 -15.88 23.52 9.30
C PHE A 129 -16.52 22.82 8.12
N VAL A 130 -17.66 22.17 8.36
CA VAL A 130 -18.43 21.51 7.31
C VAL A 130 -19.86 22.05 7.37
N LEU A 131 -20.37 22.50 6.23
CA LEU A 131 -21.70 23.08 6.19
C LEU A 131 -22.77 22.02 6.45
N SER A 132 -23.89 22.47 7.02
CA SER A 132 -25.05 21.61 7.23
C SER A 132 -26.02 21.64 6.06
N LEU A 133 -25.73 22.40 5.02
CA LEU A 133 -26.62 22.51 3.87
C LEU A 133 -26.23 21.48 2.81
N ASP A 134 -27.20 21.15 1.96
CA ASP A 134 -27.04 20.07 0.99
C ASP A 134 -26.27 20.58 -0.22
N THR A 135 -24.95 20.62 -0.06
CA THR A 135 -24.03 21.00 -1.13
C THR A 135 -23.63 19.83 -2.01
N LEU A 136 -24.08 18.61 -1.70
CA LEU A 136 -23.64 17.44 -2.46
C LEU A 136 -24.07 17.54 -3.92
N ASP A 137 -25.35 17.80 -4.17
CA ASP A 137 -25.88 17.88 -5.52
C ASP A 137 -26.03 19.34 -5.90
N ARG A 138 -25.16 19.82 -6.78
CA ARG A 138 -25.19 21.19 -7.27
C ARG A 138 -25.65 21.25 -8.72
N ASP A 139 -26.57 20.36 -9.09
CA ASP A 139 -27.16 20.35 -10.42
C ASP A 139 -28.54 21.01 -10.33
N GLN A 140 -28.75 22.06 -11.13
CA GLN A 140 -30.00 22.80 -11.08
C GLN A 140 -31.18 21.90 -11.46
N LEU A 141 -31.00 21.05 -12.46
CA LEU A 141 -32.06 20.13 -12.86
C LEU A 141 -32.32 19.03 -11.84
N SER A 142 -31.44 18.84 -10.86
CA SER A 142 -31.62 17.77 -9.90
C SER A 142 -32.65 18.16 -8.85
N PRO A 143 -33.52 17.23 -8.43
CA PRO A 143 -34.44 17.53 -7.32
C PRO A 143 -33.75 17.77 -6.00
N GLN A 144 -32.50 17.33 -5.83
CA GLN A 144 -31.76 17.54 -4.59
C GLN A 144 -31.11 18.91 -4.52
N TYR A 145 -31.23 19.72 -5.57
CA TYR A 145 -30.61 21.04 -5.58
C TYR A 145 -31.22 21.93 -4.51
N VAL A 146 -30.36 22.73 -3.86
CA VAL A 146 -30.78 23.70 -2.85
C VAL A 146 -30.62 25.09 -3.44
N HIS A 147 -31.69 25.88 -3.40
CA HIS A 147 -31.70 27.19 -4.03
C HIS A 147 -31.18 28.25 -3.06
N ASN A 148 -30.65 29.33 -3.63
CA ASN A 148 -30.14 30.47 -2.85
C ASN A 148 -29.05 30.05 -1.87
N LEU A 149 -28.24 29.06 -2.26
CA LEU A 149 -27.21 28.54 -1.36
C LEU A 149 -26.16 29.59 -1.05
N ARG A 150 -25.76 30.38 -2.06
CA ARG A 150 -24.75 31.39 -1.83
C ARG A 150 -25.21 32.42 -0.81
N SER A 151 -26.47 32.86 -0.92
CA SER A 151 -27.02 33.78 0.08
C SER A 151 -27.07 33.14 1.46
N LYS A 152 -27.47 31.87 1.53
CA LYS A 152 -27.64 31.19 2.79
C LYS A 152 -26.32 30.77 3.44
N VAL A 153 -25.21 30.84 2.72
CA VAL A 153 -23.90 30.61 3.33
C VAL A 153 -23.23 31.94 3.63
N GLN A 154 -23.48 32.95 2.80
CA GLN A 154 -22.94 34.29 3.08
C GLN A 154 -23.64 34.92 4.28
N SER A 155 -24.87 34.52 4.56
CA SER A 155 -25.55 35.00 5.76
C SER A 155 -24.86 34.52 7.03
N LEU A 156 -24.28 33.33 7.01
CA LEU A 156 -23.60 32.80 8.17
C LEU A 156 -22.36 33.63 8.51
N HIS A 157 -22.19 33.92 9.80
CA HIS A 157 -21.05 34.69 10.26
C HIS A 157 -19.81 33.84 10.51
N LEU A 158 -20.00 32.53 10.70
CA LEU A 158 -18.87 31.61 10.88
C LEU A 158 -18.24 31.19 9.56
N TRP A 159 -18.80 31.61 8.42
CA TRP A 159 -18.25 31.25 7.13
C TRP A 159 -16.81 31.72 6.99
N ASN A 160 -16.54 32.98 7.39
CA ASN A 160 -15.19 33.52 7.42
C ASN A 160 -14.49 33.38 6.06
N ASN A 161 -15.25 33.64 5.00
CA ASN A 161 -14.76 33.50 3.63
C ASN A 161 -14.31 32.07 3.33
N GLY A 162 -14.87 31.10 4.05
CA GLY A 162 -14.55 29.71 3.83
C GLY A 162 -13.22 29.24 4.38
N ARG A 163 -12.61 30.01 5.28
CA ARG A 163 -11.33 29.60 5.84
C ARG A 163 -11.52 28.39 6.75
N ASN A 164 -10.67 27.38 6.55
CA ASN A 164 -10.75 26.11 7.27
C ASN A 164 -12.13 25.47 7.11
N HIS A 165 -12.67 25.53 5.89
CA HIS A 165 -13.97 24.95 5.57
C HIS A 165 -13.80 23.84 4.55
N LEU A 166 -14.44 22.70 4.80
CA LEU A 166 -14.48 21.59 3.87
C LEU A 166 -15.87 21.48 3.28
N ILE A 167 -15.95 21.36 1.95
CA ILE A 167 -17.22 21.38 1.23
C ILE A 167 -17.31 20.09 0.43
N PHE A 168 -18.10 19.14 0.93
CA PHE A 168 -18.34 17.90 0.19
C PHE A 168 -19.22 18.17 -1.02
N ASN A 169 -19.01 17.39 -2.08
CA ASN A 169 -19.78 17.55 -3.30
C ASN A 169 -19.69 16.27 -4.12
N LEU A 170 -20.78 15.93 -4.80
CA LEU A 170 -20.84 14.73 -5.62
C LEU A 170 -21.22 15.00 -7.07
N TYR A 171 -22.18 15.89 -7.32
CA TYR A 171 -22.71 16.11 -8.66
C TYR A 171 -22.72 17.60 -9.01
N SER A 172 -21.60 18.27 -8.78
CA SER A 172 -21.50 19.68 -9.14
C SER A 172 -21.61 19.85 -10.66
N GLY A 173 -22.30 20.91 -11.08
CA GLY A 173 -22.46 21.22 -12.48
C GLY A 173 -23.86 20.85 -12.98
N THR A 174 -24.16 21.33 -14.17
CA THR A 174 -25.46 21.12 -14.79
C THR A 174 -25.27 20.43 -16.14
N TRP A 175 -26.36 20.33 -16.91
CA TRP A 175 -26.31 19.67 -18.20
C TRP A 175 -25.25 20.22 -19.14
N PRO A 176 -25.05 21.55 -19.28
CA PRO A 176 -23.97 22.02 -20.15
C PRO A 176 -22.59 21.75 -19.57
N ASP A 177 -21.91 20.75 -20.13
CA ASP A 177 -20.48 20.49 -19.91
C ASP A 177 -20.16 20.00 -18.50
N TYR A 178 -21.14 20.01 -17.59
CA TYR A 178 -20.97 19.53 -16.22
C TYR A 178 -19.67 20.03 -15.60
N THR A 179 -19.47 21.34 -15.67
CA THR A 179 -18.19 21.94 -15.33
C THR A 179 -17.94 21.87 -13.82
N GLU A 180 -16.80 22.44 -13.41
CA GLU A 180 -16.43 22.53 -12.00
C GLU A 180 -17.34 23.46 -11.20
N ASP A 181 -18.16 24.26 -11.86
CA ASP A 181 -18.97 25.29 -11.21
C ASP A 181 -19.84 24.70 -10.12
N VAL A 182 -19.54 25.05 -8.86
CA VAL A 182 -20.34 24.60 -7.72
C VAL A 182 -21.45 25.56 -7.38
N GLY A 183 -21.56 26.68 -8.10
CA GLY A 183 -22.61 27.66 -7.86
C GLY A 183 -22.23 28.73 -6.87
N PHE A 184 -22.16 28.38 -5.59
CA PHE A 184 -21.87 29.35 -4.55
C PHE A 184 -20.37 29.58 -4.42
N ASP A 185 -20.01 30.78 -3.95
CA ASP A 185 -18.60 31.10 -3.74
C ASP A 185 -18.06 30.32 -2.55
N ILE A 186 -16.89 29.70 -2.74
CA ILE A 186 -16.28 28.91 -1.69
C ILE A 186 -15.15 29.67 -0.96
N GLY A 187 -14.59 30.70 -1.58
CA GLY A 187 -13.52 31.46 -0.98
C GLY A 187 -12.24 30.67 -0.80
N GLN A 188 -11.88 30.38 0.45
CA GLN A 188 -10.66 29.65 0.78
C GLN A 188 -10.97 28.29 1.39
N ALA A 189 -11.98 27.61 0.85
CA ALA A 189 -12.45 26.35 1.41
C ALA A 189 -11.94 25.17 0.61
N MET A 190 -11.57 24.11 1.31
CA MET A 190 -11.19 22.86 0.64
C MET A 190 -12.42 22.17 0.09
N LEU A 191 -12.23 21.51 -1.06
CA LEU A 191 -13.31 20.79 -1.72
C LEU A 191 -13.05 19.29 -1.64
N ALA A 192 -14.01 18.56 -1.06
CA ALA A 192 -14.00 17.10 -1.11
C ALA A 192 -14.85 16.62 -2.29
N LYS A 193 -14.48 17.11 -3.47
CA LYS A 193 -15.26 16.87 -4.68
C LYS A 193 -14.94 15.50 -5.27
N ALA A 194 -15.97 14.89 -5.88
CA ALA A 194 -15.82 13.69 -6.66
C ALA A 194 -15.77 14.04 -8.15
N SER A 195 -15.11 13.18 -8.93
CA SER A 195 -14.93 13.38 -10.37
C SER A 195 -14.32 14.75 -10.67
N ILE A 196 -13.27 15.08 -9.93
CA ILE A 196 -12.51 16.31 -10.13
C ILE A 196 -11.41 16.05 -11.16
N SER A 197 -11.19 17.00 -12.05
CA SER A 197 -10.17 16.89 -13.08
C SER A 197 -8.85 17.48 -12.61
N THR A 198 -7.75 16.97 -13.17
CA THR A 198 -6.42 17.40 -12.73
C THR A 198 -6.20 18.88 -12.99
N GLU A 199 -6.79 19.42 -14.06
CA GLU A 199 -6.64 20.85 -14.35
C GLU A 199 -7.20 21.71 -13.24
N ASN A 200 -8.35 21.33 -12.69
CA ASN A 200 -9.02 22.08 -11.64
C ASN A 200 -8.64 21.62 -10.25
N PHE A 201 -7.76 20.63 -10.14
CA PHE A 201 -7.38 20.08 -8.84
C PHE A 201 -6.35 20.98 -8.17
N ARG A 202 -6.40 21.00 -6.84
CA ARG A 202 -5.43 21.73 -6.02
C ARG A 202 -4.67 20.71 -5.18
N PRO A 203 -3.48 20.30 -5.62
CA PRO A 203 -2.77 19.22 -4.91
C PRO A 203 -2.45 19.61 -3.48
N ASN A 204 -2.54 18.62 -2.59
CA ASN A 204 -2.30 18.78 -1.15
C ASN A 204 -3.31 19.72 -0.50
N PHE A 205 -4.28 20.21 -1.27
CA PHE A 205 -5.34 21.05 -0.71
C PHE A 205 -6.72 20.43 -0.90
N ASP A 206 -7.09 20.05 -2.12
CA ASP A 206 -8.36 19.40 -2.38
C ASP A 206 -8.21 17.89 -2.26
N VAL A 207 -9.32 17.24 -1.95
CA VAL A 207 -9.40 15.78 -1.91
C VAL A 207 -10.36 15.30 -3.00
N SER A 208 -10.08 14.12 -3.53
CA SER A 208 -10.97 13.45 -4.47
C SER A 208 -11.62 12.28 -3.77
N ILE A 209 -12.91 12.07 -4.04
CA ILE A 209 -13.68 11.05 -3.31
C ILE A 209 -14.44 10.21 -4.30
N PRO A 210 -14.95 9.05 -3.88
CA PRO A 210 -15.67 8.17 -4.79
C PRO A 210 -17.12 8.62 -4.96
N LEU A 211 -17.61 8.50 -6.20
CA LEU A 211 -19.00 8.81 -6.50
C LEU A 211 -19.86 7.61 -6.18
N PHE A 212 -20.61 7.68 -5.08
CA PHE A 212 -21.47 6.60 -4.64
C PHE A 212 -22.94 6.99 -4.81
N SER A 213 -23.81 6.03 -4.54
CA SER A 213 -25.25 6.20 -4.73
C SER A 213 -25.95 6.39 -3.40
N LYS A 214 -27.25 6.70 -3.48
CA LYS A 214 -28.05 6.89 -2.28
C LYS A 214 -28.21 5.60 -1.49
N ASP A 215 -28.17 4.45 -2.17
CA ASP A 215 -28.31 3.16 -1.51
C ASP A 215 -26.98 2.58 -1.04
N HIS A 216 -25.89 3.32 -1.20
CA HIS A 216 -24.61 2.89 -0.66
C HIS A 216 -24.71 2.82 0.87
N PRO A 217 -24.21 1.75 1.48
CA PRO A 217 -24.37 1.60 2.93
C PRO A 217 -23.76 2.77 3.70
N ARG A 218 -24.48 3.23 4.73
CA ARG A 218 -23.97 4.30 5.56
C ARG A 218 -22.76 3.85 6.38
N THR A 219 -22.83 2.63 6.92
CA THR A 219 -21.73 2.07 7.70
C THR A 219 -21.61 0.59 7.39
N GLY A 220 -20.39 0.08 7.49
CA GLY A 220 -20.16 -1.32 7.20
C GLY A 220 -19.76 -1.57 5.76
N GLY A 221 -20.71 -1.99 4.96
CA GLY A 221 -20.45 -2.28 3.57
C GLY A 221 -20.43 -3.77 3.30
N GLU A 222 -20.84 -4.13 2.08
CA GLU A 222 -20.82 -5.54 1.69
C GLU A 222 -19.38 -5.99 1.44
N ARG A 223 -19.08 -7.21 1.85
CA ARG A 223 -17.75 -7.75 1.65
C ARG A 223 -17.48 -7.98 0.17
N GLY A 224 -16.20 -8.11 -0.17
CA GLY A 224 -15.82 -8.30 -1.56
C GLY A 224 -16.34 -9.62 -2.11
N PHE A 225 -16.78 -9.58 -3.37
CA PHE A 225 -17.33 -10.75 -4.03
C PHE A 225 -16.27 -11.75 -4.44
N LEU A 226 -14.99 -11.40 -4.38
CA LEU A 226 -13.95 -12.28 -4.89
C LEU A 226 -13.76 -13.46 -3.94
N LYS A 227 -14.23 -14.63 -4.37
CA LYS A 227 -13.91 -15.90 -3.75
C LYS A 227 -13.29 -16.79 -4.82
N PHE A 228 -12.71 -17.90 -4.38
CA PHE A 228 -12.16 -18.91 -5.27
C PHE A 228 -11.03 -18.32 -6.11
N ASN A 229 -9.93 -17.98 -5.42
CA ASN A 229 -8.76 -17.37 -6.05
C ASN A 229 -8.06 -18.41 -6.93
N THR A 230 -8.61 -18.60 -8.11
CA THR A 230 -8.19 -19.67 -9.01
C THR A 230 -6.96 -19.25 -9.82
N ILE A 231 -6.19 -20.26 -10.23
CA ILE A 231 -5.01 -20.07 -11.05
C ILE A 231 -5.21 -20.83 -12.35
N PRO A 232 -5.12 -20.17 -13.52
CA PRO A 232 -4.81 -18.75 -13.74
C PRO A 232 -5.95 -17.83 -13.29
N PRO A 233 -5.63 -16.61 -12.84
CA PRO A 233 -6.67 -15.74 -12.28
C PRO A 233 -7.73 -15.32 -13.28
N LEU A 234 -7.45 -15.43 -14.57
CA LEU A 234 -8.43 -15.03 -15.58
C LEU A 234 -9.69 -15.88 -15.48
N ARG A 235 -10.84 -15.22 -15.55
CA ARG A 235 -12.13 -15.88 -15.48
C ARG A 235 -12.72 -16.01 -16.89
N LYS A 236 -14.00 -16.39 -16.95
CA LYS A 236 -14.63 -16.83 -18.20
C LYS A 236 -14.40 -15.83 -19.34
N TYR A 237 -14.66 -14.55 -19.09
CA TYR A 237 -14.45 -13.51 -20.08
C TYR A 237 -13.35 -12.56 -19.61
N MET A 238 -12.77 -11.84 -20.57
CA MET A 238 -11.70 -10.91 -20.26
C MET A 238 -12.22 -9.49 -20.07
N LEU A 239 -12.69 -8.88 -21.15
CA LEU A 239 -13.24 -7.52 -21.12
C LEU A 239 -14.76 -7.59 -21.25
N VAL A 240 -15.46 -7.14 -20.21
CA VAL A 240 -16.92 -7.02 -20.22
C VAL A 240 -17.28 -5.56 -19.93
N PHE A 241 -18.10 -4.97 -20.79
CA PHE A 241 -18.68 -3.67 -20.50
C PHE A 241 -20.16 -3.68 -20.84
N LYS A 242 -20.99 -3.18 -19.93
CA LYS A 242 -22.41 -3.02 -20.17
C LYS A 242 -22.81 -1.65 -19.64
N GLY A 243 -23.43 -0.83 -20.49
CA GLY A 243 -23.75 0.52 -20.09
C GLY A 243 -24.58 1.31 -21.09
N LYS A 244 -24.23 2.57 -21.30
CA LYS A 244 -25.02 3.47 -22.11
C LYS A 244 -24.11 4.35 -22.96
N ARG A 245 -24.70 4.96 -23.98
CA ARG A 245 -23.99 5.79 -24.95
C ARG A 245 -24.74 7.11 -25.11
N TYR A 246 -24.57 8.02 -24.14
CA TYR A 246 -25.17 9.35 -24.19
C TYR A 246 -25.05 9.97 -25.58
N LEU A 247 -26.17 10.07 -26.29
CA LEU A 247 -26.17 10.55 -27.66
C LEU A 247 -26.21 12.07 -27.72
N THR A 248 -25.46 12.63 -28.68
CA THR A 248 -25.56 14.04 -29.07
C THR A 248 -25.34 14.98 -27.89
N GLY A 249 -24.11 14.97 -27.39
CA GLY A 249 -23.72 15.92 -26.36
C GLY A 249 -22.28 15.75 -25.96
N ILE A 250 -21.89 16.48 -24.92
CA ILE A 250 -20.56 16.30 -24.34
C ILE A 250 -20.55 15.04 -23.49
N GLY A 251 -19.34 14.49 -23.33
CA GLY A 251 -19.19 13.22 -22.64
C GLY A 251 -19.58 12.05 -23.52
N SER A 252 -19.30 10.84 -23.01
CA SER A 252 -19.51 9.60 -23.74
C SER A 252 -18.98 9.70 -25.18
N ASP A 253 -17.65 9.75 -25.25
CA ASP A 253 -16.94 9.68 -26.52
C ASP A 253 -16.02 8.47 -26.51
N THR A 254 -16.13 7.64 -25.47
CA THR A 254 -15.41 6.38 -25.37
C THR A 254 -16.39 5.22 -25.37
N ARG A 255 -17.28 5.15 -24.38
CA ARG A 255 -18.42 4.25 -24.38
C ARG A 255 -19.09 4.23 -25.74
N ASN A 256 -19.21 5.40 -26.36
CA ASN A 256 -19.83 5.50 -27.68
C ASN A 256 -19.05 4.72 -28.73
N ALA A 257 -17.73 4.66 -28.59
CA ALA A 257 -16.88 3.97 -29.55
C ALA A 257 -16.37 2.63 -29.01
N LEU A 258 -17.11 2.02 -28.09
CA LEU A 258 -16.77 0.69 -27.59
C LEU A 258 -17.40 -0.41 -28.44
N TYR A 259 -17.22 -0.29 -29.75
CA TYR A 259 -17.65 -1.32 -30.70
C TYR A 259 -16.55 -1.77 -31.64
N HIS A 260 -15.52 -0.95 -31.88
CA HIS A 260 -14.35 -1.41 -32.61
C HIS A 260 -13.72 -2.61 -31.92
N VAL A 261 -13.60 -2.55 -30.60
CA VAL A 261 -13.00 -3.64 -29.84
C VAL A 261 -13.94 -4.82 -29.65
N HIS A 262 -15.24 -4.62 -29.83
CA HIS A 262 -16.20 -5.70 -29.61
C HIS A 262 -16.00 -6.82 -30.61
N ASN A 263 -16.09 -8.07 -30.13
CA ASN A 263 -15.92 -9.22 -31.01
C ASN A 263 -16.86 -10.36 -30.69
N GLY A 264 -17.87 -10.17 -29.85
CA GLY A 264 -18.74 -11.26 -29.46
C GLY A 264 -18.01 -12.37 -28.75
N GLU A 265 -17.04 -12.01 -27.92
CA GLU A 265 -16.13 -12.95 -27.26
C GLU A 265 -15.75 -12.31 -25.93
N ASP A 266 -14.62 -12.73 -25.36
CA ASP A 266 -14.19 -12.23 -24.05
C ASP A 266 -14.02 -10.71 -24.02
N VAL A 267 -14.29 -10.04 -25.15
CA VAL A 267 -14.30 -8.58 -25.24
C VAL A 267 -15.70 -8.04 -25.55
N VAL A 268 -16.71 -8.46 -24.78
CA VAL A 268 -18.09 -8.03 -25.04
C VAL A 268 -18.30 -6.64 -24.45
N LEU A 269 -18.24 -5.62 -25.31
CA LEU A 269 -18.54 -4.25 -24.92
C LEU A 269 -19.96 -3.90 -25.37
N LEU A 270 -20.93 -4.56 -24.75
CA LEU A 270 -22.33 -4.41 -25.12
C LEU A 270 -22.86 -3.09 -24.59
N THR A 271 -23.18 -2.17 -25.49
CA THR A 271 -23.76 -0.88 -25.15
C THR A 271 -25.25 -0.87 -25.51
N THR A 272 -25.88 0.30 -25.34
CA THR A 272 -27.31 0.44 -25.58
C THR A 272 -27.62 1.92 -25.78
N CYS A 273 -28.81 2.18 -26.31
CA CYS A 273 -29.21 3.54 -26.65
C CYS A 273 -30.47 3.94 -25.88
N ARG A 286 -26.63 3.34 -35.47
CA ARG A 286 -27.25 2.02 -35.32
C ARG A 286 -27.43 1.67 -33.85
N CYS A 287 -28.61 1.16 -33.50
CA CYS A 287 -28.94 0.84 -32.12
C CYS A 287 -29.74 -0.45 -31.94
N ASP A 288 -30.46 -0.92 -32.96
CA ASP A 288 -31.27 -2.13 -32.79
C ASP A 288 -30.39 -3.34 -32.50
N ARG A 289 -29.29 -3.49 -33.23
CA ARG A 289 -28.36 -4.59 -32.96
C ARG A 289 -27.76 -4.47 -31.56
N ASP A 290 -27.39 -3.24 -31.16
CA ASP A 290 -26.85 -3.03 -29.82
C ASP A 290 -27.85 -3.42 -28.75
N ASN A 291 -29.12 -3.04 -28.92
CA ASN A 291 -30.14 -3.39 -27.93
C ASN A 291 -30.40 -4.88 -27.90
N THR A 292 -30.45 -5.53 -29.08
CA THR A 292 -30.68 -6.97 -29.11
C THR A 292 -29.55 -7.74 -28.44
N GLU A 293 -28.30 -7.34 -28.70
CA GLU A 293 -27.17 -8.01 -28.06
C GLU A 293 -27.01 -7.62 -26.60
N TYR A 294 -27.59 -6.48 -26.18
CA TYR A 294 -27.46 -6.06 -24.79
C TYR A 294 -28.31 -6.92 -23.87
N GLU A 295 -29.51 -7.27 -24.29
CA GLU A 295 -30.44 -8.06 -23.47
C GLU A 295 -30.22 -9.56 -23.63
N LYS A 296 -28.98 -10.00 -23.47
CA LYS A 296 -28.65 -11.42 -23.49
C LYS A 296 -28.07 -11.91 -22.18
N TYR A 297 -27.02 -11.27 -21.68
CA TYR A 297 -26.37 -11.68 -20.44
C TYR A 297 -27.00 -10.93 -19.26
N ASP A 298 -26.43 -11.13 -18.07
CA ASP A 298 -26.81 -10.38 -16.88
C ASP A 298 -25.62 -9.58 -16.40
N TYR A 299 -25.88 -8.36 -15.91
CA TYR A 299 -24.80 -7.47 -15.49
C TYR A 299 -23.98 -8.08 -14.37
N ARG A 300 -24.63 -8.68 -13.38
CA ARG A 300 -23.89 -9.38 -12.33
C ARG A 300 -23.19 -10.61 -12.89
N GLU A 301 -23.86 -11.34 -13.80
CA GLU A 301 -23.28 -12.53 -14.39
C GLU A 301 -22.03 -12.20 -15.19
N MET A 302 -21.97 -11.03 -15.81
CA MET A 302 -20.79 -10.63 -16.54
C MET A 302 -19.77 -9.89 -15.68
N LEU A 303 -20.18 -9.32 -14.56
CA LEU A 303 -19.21 -8.72 -13.64
C LEU A 303 -18.46 -9.78 -12.84
N HIS A 304 -19.11 -10.90 -12.52
CA HIS A 304 -18.43 -11.97 -11.80
C HIS A 304 -17.67 -12.91 -12.72
N ASN A 305 -18.11 -13.07 -13.96
CA ASN A 305 -17.41 -13.89 -14.94
C ASN A 305 -16.56 -13.00 -15.84
N ALA A 306 -15.52 -12.42 -15.24
CA ALA A 306 -14.70 -11.46 -15.98
C ALA A 306 -13.32 -11.35 -15.38
N THR A 307 -12.39 -10.82 -16.18
CA THR A 307 -11.05 -10.47 -15.75
C THR A 307 -10.90 -8.96 -15.53
N PHE A 308 -11.26 -8.15 -16.51
CA PHE A 308 -11.17 -6.70 -16.43
C PHE A 308 -12.52 -6.08 -16.76
N CYS A 309 -12.83 -4.98 -16.08
CA CYS A 309 -14.07 -4.24 -16.29
C CYS A 309 -13.74 -2.77 -16.50
N LEU A 310 -14.12 -2.23 -17.66
CA LEU A 310 -13.86 -0.83 -17.97
C LEU A 310 -14.63 0.08 -17.02
N VAL A 311 -14.02 1.22 -16.69
CA VAL A 311 -14.68 2.27 -15.92
C VAL A 311 -14.55 3.57 -16.71
N PRO A 312 -15.31 3.73 -17.80
CA PRO A 312 -15.07 4.86 -18.70
C PRO A 312 -15.79 6.13 -18.28
N ARG A 313 -15.57 7.21 -19.05
CA ARG A 313 -16.12 8.52 -18.74
C ARG A 313 -17.48 8.72 -19.41
N GLY A 314 -18.42 9.29 -18.66
CA GLY A 314 -19.69 9.69 -19.23
C GLY A 314 -19.91 11.18 -19.10
N ARG A 315 -21.06 11.58 -18.55
CA ARG A 315 -21.29 13.00 -18.29
C ARG A 315 -20.31 13.52 -17.24
N ARG A 316 -20.19 12.81 -16.13
CA ARG A 316 -19.21 13.11 -15.10
C ARG A 316 -17.99 12.20 -15.24
N LEU A 317 -16.85 12.68 -14.74
CA LEU A 317 -15.62 11.90 -14.84
C LEU A 317 -15.71 10.59 -14.06
N GLY A 318 -16.51 10.58 -13.00
CA GLY A 318 -16.68 9.37 -12.20
C GLY A 318 -18.03 8.71 -12.42
N SER A 319 -18.15 7.44 -12.06
CA SER A 319 -19.39 6.72 -12.23
C SER A 319 -19.52 5.71 -11.09
N PHE A 320 -20.72 5.10 -11.01
CA PHE A 320 -20.96 4.07 -10.02
C PHE A 320 -20.20 2.79 -10.33
N ARG A 321 -19.84 2.56 -11.60
CA ARG A 321 -19.19 1.32 -11.99
C ARG A 321 -17.84 1.14 -11.32
N PHE A 322 -17.20 2.21 -10.85
CA PHE A 322 -15.89 2.09 -10.23
C PHE A 322 -15.96 1.23 -8.97
N LEU A 323 -16.88 1.55 -8.07
CA LEU A 323 -17.00 0.78 -6.84
C LEU A 323 -17.58 -0.60 -7.10
N GLU A 324 -18.44 -0.75 -8.10
CA GLU A 324 -19.00 -2.05 -8.41
C GLU A 324 -17.94 -3.00 -8.96
N ALA A 325 -17.05 -2.49 -9.81
CA ALA A 325 -15.94 -3.30 -10.30
C ALA A 325 -14.87 -3.50 -9.25
N LEU A 326 -14.75 -2.56 -8.31
CA LEU A 326 -13.79 -2.69 -7.22
C LEU A 326 -14.29 -3.67 -6.16
N GLN A 327 -15.60 -3.92 -6.10
CA GLN A 327 -16.16 -4.88 -5.15
C GLN A 327 -16.16 -6.30 -5.70
N ALA A 328 -16.56 -6.47 -6.95
CA ALA A 328 -16.53 -7.79 -7.59
C ALA A 328 -15.13 -8.23 -7.96
N ALA A 329 -14.10 -7.45 -7.59
CA ALA A 329 -12.70 -7.66 -7.89
C ALA A 329 -12.37 -7.53 -9.36
N CYS A 330 -13.34 -7.25 -10.21
CA CYS A 330 -13.08 -7.13 -11.64
C CYS A 330 -12.14 -5.96 -11.87
N VAL A 331 -10.89 -6.27 -12.23
CA VAL A 331 -9.80 -5.29 -12.24
C VAL A 331 -10.18 -4.11 -13.13
N PRO A 332 -10.43 -2.93 -12.56
CA PRO A 332 -10.88 -1.80 -13.37
C PRO A 332 -9.80 -1.34 -14.33
N VAL A 333 -10.22 -1.02 -15.54
CA VAL A 333 -9.36 -0.44 -16.57
C VAL A 333 -9.87 0.98 -16.81
N MET A 334 -9.18 1.96 -16.23
CA MET A 334 -9.68 3.32 -16.28
C MET A 334 -9.59 3.88 -17.70
N LEU A 335 -10.70 4.45 -18.17
CA LEU A 335 -10.78 5.14 -19.45
C LEU A 335 -11.40 6.51 -19.28
N SER A 336 -11.05 7.19 -18.19
CA SER A 336 -11.53 8.53 -17.88
C SER A 336 -10.31 9.44 -17.79
N ASN A 337 -9.91 10.01 -18.92
CA ASN A 337 -8.72 10.84 -18.97
C ASN A 337 -8.83 12.02 -18.02
N GLY A 338 -7.77 12.25 -17.25
CA GLY A 338 -7.72 13.38 -16.35
C GLY A 338 -8.70 13.33 -15.19
N TRP A 339 -8.86 12.17 -14.57
CA TRP A 339 -9.66 12.03 -13.35
C TRP A 339 -8.74 11.61 -12.22
N GLU A 340 -8.74 12.38 -11.14
CA GLU A 340 -8.04 11.95 -9.94
C GLU A 340 -8.83 10.82 -9.28
N LEU A 341 -8.23 9.64 -9.23
CA LEU A 341 -8.90 8.51 -8.62
C LEU A 341 -9.11 8.79 -7.14
N PRO A 342 -10.21 8.30 -6.56
CA PRO A 342 -10.52 8.60 -5.15
C PRO A 342 -9.34 8.39 -4.21
N PHE A 343 -8.95 9.46 -3.52
CA PHE A 343 -7.84 9.45 -2.57
C PHE A 343 -6.51 9.19 -3.27
N SER A 344 -6.34 9.77 -4.46
CA SER A 344 -5.10 9.60 -5.22
C SER A 344 -3.90 10.22 -4.52
N GLU A 345 -4.12 11.11 -3.55
CA GLU A 345 -3.01 11.68 -2.81
C GLU A 345 -2.27 10.61 -2.01
N VAL A 346 -2.98 9.60 -1.52
CA VAL A 346 -2.40 8.60 -0.63
C VAL A 346 -2.51 7.18 -1.17
N ILE A 347 -3.31 6.94 -2.21
CA ILE A 347 -3.53 5.61 -2.74
C ILE A 347 -2.77 5.46 -4.05
N ASN A 348 -1.97 4.40 -4.14
CA ASN A 348 -1.27 4.06 -5.38
C ASN A 348 -2.20 3.19 -6.22
N TRP A 349 -2.70 3.75 -7.32
CA TRP A 349 -3.68 3.06 -8.15
C TRP A 349 -3.05 2.24 -9.27
N ASN A 350 -1.73 2.30 -9.45
CA ASN A 350 -1.07 1.35 -10.34
C ASN A 350 -1.01 -0.04 -9.72
N GLN A 351 -1.14 -0.14 -8.40
CA GLN A 351 -1.18 -1.43 -7.73
C GLN A 351 -2.53 -2.11 -7.87
N ALA A 352 -3.61 -1.34 -7.96
CA ALA A 352 -4.96 -1.88 -7.89
C ALA A 352 -5.75 -1.78 -9.19
N ALA A 353 -5.26 -1.04 -10.18
CA ALA A 353 -6.03 -0.82 -11.39
C ALA A 353 -5.10 -0.51 -12.55
N VAL A 354 -5.65 -0.61 -13.76
CA VAL A 354 -4.96 -0.26 -14.99
C VAL A 354 -5.51 1.09 -15.45
N ILE A 355 -4.64 2.10 -15.48
CA ILE A 355 -5.01 3.44 -15.93
C ILE A 355 -4.58 3.59 -17.38
N GLY A 356 -5.54 3.87 -18.25
CA GLY A 356 -5.27 3.96 -19.67
C GLY A 356 -5.86 5.22 -20.27
N ASP A 357 -5.14 5.75 -21.27
CA ASP A 357 -5.63 6.91 -22.01
C ASP A 357 -6.75 6.48 -22.95
N GLU A 358 -7.83 7.26 -22.97
CA GLU A 358 -8.93 6.99 -23.88
C GLU A 358 -8.56 7.19 -25.35
N ARG A 359 -7.40 7.81 -25.61
CA ARG A 359 -6.91 7.99 -26.97
C ARG A 359 -6.16 6.76 -27.48
N LEU A 360 -6.02 5.72 -26.67
CA LEU A 360 -5.39 4.47 -27.07
C LEU A 360 -6.34 3.29 -26.88
N LEU A 361 -7.64 3.53 -27.07
CA LEU A 361 -8.64 2.51 -26.80
C LEU A 361 -8.42 1.27 -27.66
N LEU A 362 -8.05 1.46 -28.94
CA LEU A 362 -7.80 0.32 -29.81
C LEU A 362 -6.66 -0.54 -29.26
N GLN A 363 -5.66 0.09 -28.64
CA GLN A 363 -4.56 -0.65 -28.04
C GLN A 363 -4.92 -1.23 -26.68
N ILE A 364 -6.01 -0.76 -26.07
CA ILE A 364 -6.38 -1.21 -24.72
C ILE A 364 -6.47 -2.74 -24.60
N PRO A 365 -7.14 -3.46 -25.51
CA PRO A 365 -7.19 -4.93 -25.33
C PRO A 365 -5.84 -5.60 -25.34
N SER A 366 -4.96 -5.21 -26.26
CA SER A 366 -3.65 -5.86 -26.32
C SER A 366 -2.89 -5.66 -25.03
N THR A 367 -2.98 -4.46 -24.45
CA THR A 367 -2.31 -4.19 -23.19
C THR A 367 -2.81 -5.13 -22.10
N ILE A 368 -4.13 -5.34 -22.02
CA ILE A 368 -4.62 -6.22 -20.97
C ILE A 368 -4.30 -7.66 -21.31
N ARG A 369 -4.09 -7.96 -22.60
CA ARG A 369 -3.57 -9.27 -22.96
C ARG A 369 -2.15 -9.45 -22.43
N SER A 370 -1.34 -8.39 -22.51
CA SER A 370 0.08 -8.50 -22.18
C SER A 370 0.35 -8.48 -20.68
N ILE A 371 -0.64 -8.22 -19.85
CA ILE A 371 -0.42 -8.18 -18.40
C ILE A 371 -0.18 -9.59 -17.90
N HIS A 372 0.89 -9.77 -17.13
CA HIS A 372 1.28 -11.08 -16.65
C HIS A 372 0.29 -11.59 -15.60
N GLN A 373 0.26 -12.92 -15.44
CA GLN A 373 -0.70 -13.54 -14.54
C GLN A 373 -0.44 -13.14 -13.09
N ASP A 374 0.83 -13.04 -12.69
CA ASP A 374 1.13 -12.63 -11.32
C ASP A 374 0.71 -11.19 -11.08
N LYS A 375 0.92 -10.32 -12.08
CA LYS A 375 0.42 -8.95 -11.97
C LYS A 375 -1.09 -8.92 -11.85
N ILE A 376 -1.78 -9.79 -12.61
CA ILE A 376 -3.24 -9.86 -12.52
C ILE A 376 -3.68 -10.29 -11.13
N LEU A 377 -2.99 -11.27 -10.56
CA LEU A 377 -3.32 -11.74 -9.22
C LEU A 377 -3.12 -10.63 -8.19
N ALA A 378 -2.00 -9.90 -8.30
CA ALA A 378 -1.74 -8.80 -7.37
C ALA A 378 -2.77 -7.70 -7.52
N LEU A 379 -3.15 -7.38 -8.76
CA LEU A 379 -4.18 -6.37 -9.00
C LEU A 379 -5.52 -6.80 -8.42
N ARG A 380 -5.86 -8.08 -8.57
CA ARG A 380 -7.12 -8.60 -8.01
C ARG A 380 -7.15 -8.45 -6.50
N GLN A 381 -6.11 -8.94 -5.83
CA GLN A 381 -6.08 -8.87 -4.37
C GLN A 381 -6.04 -7.44 -3.88
N GLN A 382 -5.30 -6.56 -4.56
CA GLN A 382 -5.23 -5.17 -4.16
C GLN A 382 -6.57 -4.46 -4.37
N THR A 383 -7.27 -4.80 -5.45
CA THR A 383 -8.62 -4.30 -5.67
C THR A 383 -9.52 -4.65 -4.49
N GLN A 384 -9.50 -5.92 -4.08
CA GLN A 384 -10.33 -6.32 -2.94
C GLN A 384 -9.92 -5.59 -1.67
N PHE A 385 -8.61 -5.47 -1.44
CA PHE A 385 -8.13 -4.77 -0.25
C PHE A 385 -8.62 -3.33 -0.22
N LEU A 386 -8.47 -2.62 -1.35
CA LEU A 386 -8.87 -1.22 -1.39
C LEU A 386 -10.37 -1.08 -1.21
N TRP A 387 -11.15 -1.93 -1.86
CA TRP A 387 -12.60 -1.91 -1.67
C TRP A 387 -12.95 -2.05 -0.19
N GLU A 388 -12.51 -3.14 0.44
CA GLU A 388 -12.89 -3.36 1.83
C GLU A 388 -12.24 -2.37 2.79
N ALA A 389 -11.22 -1.62 2.36
CA ALA A 389 -10.55 -0.70 3.26
C ALA A 389 -11.10 0.73 3.21
N TYR A 390 -11.35 1.28 2.02
CA TYR A 390 -11.69 2.69 1.90
C TYR A 390 -12.96 2.99 1.13
N PHE A 391 -13.68 1.98 0.63
CA PHE A 391 -14.77 2.25 -0.30
C PHE A 391 -16.07 1.52 0.03
N SER A 392 -16.07 0.52 0.91
CA SER A 392 -17.26 -0.29 1.11
C SER A 392 -18.42 0.49 1.72
N SER A 393 -18.15 1.58 2.44
CA SER A 393 -19.21 2.36 3.08
C SER A 393 -18.92 3.85 2.92
N VAL A 394 -19.98 4.64 3.10
CA VAL A 394 -19.84 6.10 3.06
C VAL A 394 -19.01 6.58 4.24
N GLU A 395 -19.17 5.95 5.40
CA GLU A 395 -18.42 6.34 6.59
C GLU A 395 -16.92 6.19 6.37
N LYS A 396 -16.51 5.12 5.71
CA LYS A 396 -15.09 4.94 5.38
C LYS A 396 -14.60 6.03 4.45
N ILE A 397 -15.42 6.41 3.46
CA ILE A 397 -15.04 7.47 2.54
C ILE A 397 -14.81 8.78 3.29
N VAL A 398 -15.76 9.13 4.17
CA VAL A 398 -15.65 10.37 4.92
C VAL A 398 -14.43 10.34 5.84
N LEU A 399 -14.22 9.22 6.52
CA LEU A 399 -13.07 9.10 7.42
C LEU A 399 -11.77 9.18 6.65
N THR A 400 -11.71 8.60 5.44
CA THR A 400 -10.50 8.69 4.65
C THR A 400 -10.22 10.11 4.21
N THR A 401 -11.26 10.84 3.80
CA THR A 401 -11.08 12.26 3.47
C THR A 401 -10.56 13.03 4.69
N LEU A 402 -11.13 12.77 5.87
CA LEU A 402 -10.67 13.46 7.07
C LEU A 402 -9.22 13.12 7.39
N GLU A 403 -8.83 11.86 7.25
CA GLU A 403 -7.45 11.46 7.53
C GLU A 403 -6.48 12.11 6.54
N ILE A 404 -6.86 12.17 5.26
CA ILE A 404 -6.02 12.83 4.26
C ILE A 404 -5.81 14.29 4.63
N ILE A 405 -6.90 14.99 4.94
CA ILE A 405 -6.76 16.40 5.29
C ILE A 405 -5.99 16.58 6.59
N GLN A 406 -6.11 15.62 7.51
CA GLN A 406 -5.41 15.73 8.79
C GLN A 406 -3.90 15.56 8.62
N ASP A 407 -3.48 14.62 7.77
CA ASP A 407 -2.05 14.43 7.55
C ASP A 407 -1.41 15.63 6.87
N ARG A 408 -2.21 16.48 6.22
CA ARG A 408 -1.69 17.71 5.62
C ARG A 408 -1.16 18.69 6.65
N ILE A 409 -1.52 18.51 7.93
CA ILE A 409 -1.22 19.54 8.94
C ILE A 409 0.23 19.43 9.41
N PHE A 410 0.56 18.31 10.04
CA PHE A 410 1.91 18.09 10.57
C PHE A 410 2.64 17.14 9.62
N LYS A 411 3.62 17.67 8.88
CA LYS A 411 4.31 16.87 7.88
C LYS A 411 5.20 15.79 8.50
N HIS A 412 5.50 15.88 9.78
CA HIS A 412 6.23 14.83 10.49
C HIS A 412 5.31 13.86 11.21
N ILE A 413 4.00 14.10 11.20
CA ILE A 413 3.04 13.22 11.84
C ILE A 413 2.03 12.74 10.79
N SER A 414 2.51 12.57 9.56
CA SER A 414 1.70 12.05 8.47
C SER A 414 1.99 10.57 8.27
N ARG A 415 1.40 9.99 7.22
CA ARG A 415 1.52 8.57 6.94
C ARG A 415 2.34 8.35 5.68
N ASN A 416 3.17 7.31 5.69
CA ASN A 416 3.97 6.95 4.53
C ASN A 416 3.07 6.50 3.38
N SER A 417 3.65 6.48 2.18
CA SER A 417 2.94 5.94 1.02
C SER A 417 2.71 4.44 1.12
N LEU A 418 3.38 3.77 2.04
CA LEU A 418 3.18 2.33 2.25
C LEU A 418 2.04 2.03 3.20
N ILE A 419 1.74 2.95 4.12
CA ILE A 419 0.67 2.74 5.08
C ILE A 419 -0.67 2.61 4.36
N TRP A 420 -0.93 3.50 3.42
CA TRP A 420 -2.22 3.51 2.74
C TRP A 420 -2.37 2.37 1.75
N ASN A 421 -1.28 1.90 1.17
CA ASN A 421 -1.34 1.07 -0.02
C ASN A 421 -1.28 -0.43 0.25
N LYS A 422 -1.27 -0.85 1.52
CA LYS A 422 -1.31 -2.28 1.81
C LYS A 422 -2.08 -2.52 3.11
N HIS A 423 -2.26 -3.79 3.41
CA HIS A 423 -3.09 -4.20 4.54
C HIS A 423 -2.49 -3.67 5.84
N PRO A 424 -3.31 -3.23 6.80
CA PRO A 424 -4.78 -3.16 6.77
C PRO A 424 -5.30 -1.88 6.11
N GLY A 425 -4.58 -0.77 6.21
CA GLY A 425 -5.00 0.45 5.57
C GLY A 425 -4.76 1.70 6.41
N GLY A 426 -4.92 2.87 5.79
CA GLY A 426 -4.68 4.12 6.49
C GLY A 426 -5.72 4.45 7.54
N LEU A 427 -6.94 3.91 7.40
CA LEU A 427 -7.99 4.20 8.38
C LEU A 427 -7.70 3.54 9.71
N PHE A 428 -7.03 2.38 9.71
CA PHE A 428 -6.73 1.67 10.94
C PHE A 428 -5.32 1.94 11.45
N VAL A 429 -4.52 2.72 10.72
CA VAL A 429 -3.17 3.07 11.13
C VAL A 429 -3.12 4.57 11.36
N LEU A 430 -2.75 4.96 12.58
CA LEU A 430 -2.77 6.36 13.01
C LEU A 430 -1.36 6.86 13.18
N PRO A 431 -0.94 7.89 12.44
CA PRO A 431 0.45 8.37 12.55
C PRO A 431 0.74 9.10 13.84
N GLN A 432 -0.28 9.56 14.57
CA GLN A 432 -0.04 10.19 15.86
C GLN A 432 0.57 9.22 16.85
N TYR A 433 0.26 7.93 16.70
CA TYR A 433 0.94 6.91 17.49
C TYR A 433 2.41 6.81 17.09
N SER A 434 2.67 6.71 15.79
CA SER A 434 4.02 6.61 15.25
C SER A 434 3.96 6.72 13.74
N SER A 435 4.99 7.31 13.15
CA SER A 435 5.14 7.37 11.71
C SER A 435 6.10 6.33 11.17
N TYR A 436 6.65 5.49 12.04
CA TYR A 436 7.65 4.49 11.67
C TYR A 436 6.95 3.15 11.46
N LEU A 437 7.13 2.58 10.26
CA LEU A 437 6.47 1.32 9.91
C LEU A 437 6.85 0.19 10.87
N GLY A 438 8.02 0.29 11.50
CA GLY A 438 8.45 -0.74 12.43
C GLY A 438 7.77 -0.72 13.78
N ASP A 439 6.99 0.31 14.06
CA ASP A 439 6.21 0.37 15.30
C ASP A 439 4.84 -0.25 15.17
N PHE A 440 4.47 -0.73 13.97
CA PHE A 440 3.22 -1.40 13.72
C PHE A 440 3.46 -2.88 13.41
N PRO A 441 2.51 -3.76 13.75
CA PRO A 441 2.69 -5.18 13.48
C PRO A 441 2.28 -5.62 12.09
N TYR A 442 2.09 -4.69 11.15
CA TYR A 442 1.53 -5.00 9.84
C TYR A 442 2.57 -5.05 8.74
N TYR A 443 3.83 -4.70 9.03
CA TYR A 443 4.84 -4.49 7.99
C TYR A 443 6.14 -5.24 8.30
N TYR A 444 6.10 -6.23 9.18
CA TYR A 444 7.33 -6.93 9.56
C TYR A 444 7.93 -7.70 8.39
N ALA A 445 7.15 -8.03 7.37
CA ALA A 445 7.67 -8.75 6.22
C ALA A 445 8.09 -7.83 5.08
N ASN A 446 7.48 -6.65 4.98
CA ASN A 446 7.85 -5.70 3.95
C ASN A 446 9.15 -4.96 4.27
N LEU A 447 9.52 -4.90 5.55
CA LEU A 447 10.74 -4.23 5.98
C LEU A 447 11.90 -5.18 6.20
N GLY A 448 11.70 -6.48 5.97
CA GLY A 448 12.74 -7.45 6.26
C GLY A 448 13.09 -7.55 7.73
N LEU A 449 12.25 -7.03 8.61
CA LEU A 449 12.51 -7.03 10.03
C LEU A 449 11.89 -8.27 10.69
N LYS A 450 11.98 -8.32 12.01
CA LYS A 450 11.46 -9.43 12.79
C LYS A 450 10.57 -8.89 13.90
N PRO A 451 9.59 -9.68 14.35
CA PRO A 451 8.78 -9.25 15.47
C PRO A 451 9.61 -9.11 16.72
N PRO A 452 9.24 -8.21 17.64
CA PRO A 452 10.05 -8.00 18.84
C PRO A 452 10.15 -9.27 19.68
N SER A 453 11.31 -9.45 20.30
CA SER A 453 11.57 -10.61 21.14
C SER A 453 11.19 -10.40 22.60
N LYS A 454 10.77 -9.20 22.98
CA LYS A 454 10.40 -8.90 24.35
C LYS A 454 8.96 -8.42 24.42
N PHE A 455 8.27 -8.78 25.50
CA PHE A 455 6.90 -8.36 25.72
C PHE A 455 6.76 -7.78 27.13
N THR A 456 5.94 -6.73 27.23
CA THR A 456 5.55 -6.15 28.51
C THR A 456 4.30 -6.85 29.03
N ALA A 457 4.32 -7.23 30.30
CA ALA A 457 3.19 -7.90 30.93
C ALA A 457 2.33 -6.87 31.66
N VAL A 458 1.03 -6.89 31.40
CA VAL A 458 0.07 -6.00 32.05
C VAL A 458 -0.97 -6.86 32.75
N ILE A 459 -1.18 -6.61 34.04
CA ILE A 459 -2.11 -7.37 34.86
C ILE A 459 -3.20 -6.44 35.35
N HIS A 460 -4.45 -6.85 35.18
CA HIS A 460 -5.59 -6.07 35.65
C HIS A 460 -6.43 -6.89 36.63
N VAL A 472 -2.41 -13.91 42.25
CA VAL A 472 -1.77 -12.90 41.41
C VAL A 472 -0.25 -12.97 41.59
N LEU A 473 0.20 -13.30 42.80
CA LEU A 473 1.63 -13.40 43.05
C LEU A 473 2.24 -14.57 42.28
N LYS A 474 1.58 -15.73 42.30
CA LYS A 474 2.07 -16.88 41.55
C LYS A 474 2.06 -16.58 40.05
N LEU A 475 1.02 -15.91 39.56
CA LEU A 475 0.96 -15.52 38.16
C LEU A 475 2.10 -14.57 37.82
N LEU A 476 2.39 -13.60 38.69
CA LEU A 476 3.48 -12.68 38.44
C LEU A 476 4.82 -13.40 38.41
N VAL A 477 5.02 -14.36 39.32
CA VAL A 477 6.25 -15.14 39.34
C VAL A 477 6.39 -15.94 38.05
N ALA A 478 5.30 -16.59 37.61
CA ALA A 478 5.34 -17.38 36.38
C ALA A 478 5.65 -16.51 35.18
N ALA A 479 5.05 -15.32 35.11
CA ALA A 479 5.33 -14.40 34.01
C ALA A 479 6.78 -13.93 34.04
N ALA A 480 7.32 -13.68 35.24
CA ALA A 480 8.70 -13.23 35.35
C ALA A 480 9.70 -14.31 34.94
N LYS A 481 9.38 -15.58 35.21
CA LYS A 481 10.27 -16.68 34.85
C LYS A 481 10.13 -17.00 33.36
N SER A 482 10.57 -16.04 32.54
CA SER A 482 10.55 -16.20 31.09
C SER A 482 11.67 -15.37 30.49
N GLN A 483 12.05 -15.73 29.27
CA GLN A 483 13.14 -15.07 28.58
C GLN A 483 12.67 -13.90 27.71
N TYR A 484 11.37 -13.66 27.63
CA TYR A 484 10.83 -12.61 26.78
C TYR A 484 10.08 -11.53 27.52
N CYS A 485 9.97 -11.62 28.85
CA CYS A 485 9.22 -10.64 29.64
C CYS A 485 10.15 -9.50 30.01
N ALA A 486 10.10 -8.41 29.25
CA ALA A 486 10.98 -7.28 29.52
C ALA A 486 10.52 -6.49 30.74
N GLN A 487 9.22 -6.22 30.86
CA GLN A 487 8.69 -5.39 31.93
C GLN A 487 7.36 -5.96 32.39
N ILE A 488 7.03 -5.70 33.66
CA ILE A 488 5.75 -6.10 34.24
C ILE A 488 5.05 -4.85 34.75
N ILE A 489 3.79 -4.69 34.36
CA ILE A 489 2.98 -3.55 34.81
C ILE A 489 1.64 -4.03 35.33
N MET A 521 -12.90 0.17 33.31
CA MET A 521 -12.62 -1.13 32.73
C MET A 521 -11.64 -1.02 31.57
N SER A 522 -11.73 0.08 30.82
CA SER A 522 -10.84 0.31 29.69
C SER A 522 -9.46 0.79 30.10
N SER A 523 -9.18 0.90 31.40
CA SER A 523 -7.90 1.42 31.86
C SER A 523 -6.75 0.50 31.46
N ARG A 524 -7.03 -0.73 31.07
CA ARG A 524 -6.01 -1.68 30.64
C ARG A 524 -5.69 -1.56 29.17
N PHE A 525 -6.35 -0.64 28.45
CA PHE A 525 -6.11 -0.46 27.02
C PHE A 525 -5.66 0.97 26.70
N LEU A 526 -5.16 1.70 27.68
CA LEU A 526 -4.68 3.05 27.46
C LEU A 526 -3.28 3.04 26.86
N PRO A 527 -2.89 4.11 26.16
CA PRO A 527 -1.52 4.19 25.62
C PRO A 527 -0.50 4.61 26.68
N TYR A 528 -0.16 3.66 27.56
CA TYR A 528 0.80 3.93 28.61
C TYR A 528 2.19 4.12 28.02
N ASP A 529 2.87 5.19 28.43
CA ASP A 529 4.24 5.44 28.02
C ASP A 529 5.25 4.62 28.82
N ASN A 530 4.83 3.99 29.91
CA ASN A 530 5.70 3.11 30.68
C ASN A 530 6.02 1.82 29.95
N ILE A 531 5.31 1.50 28.87
CA ILE A 531 5.54 0.29 28.11
C ILE A 531 6.55 0.58 27.00
N ILE A 532 7.60 -0.23 26.95
CA ILE A 532 8.68 -0.02 25.98
C ILE A 532 8.58 -0.99 24.81
N THR A 533 8.25 -2.25 25.07
CA THR A 533 8.18 -3.24 24.00
C THR A 533 6.92 -3.03 23.16
N ASP A 534 6.90 -3.70 22.01
CA ASP A 534 5.78 -3.61 21.08
C ASP A 534 4.75 -4.72 21.27
N ALA A 535 5.00 -5.64 22.19
CA ALA A 535 4.08 -6.74 22.47
C ALA A 535 3.65 -6.66 23.92
N VAL A 536 2.37 -6.93 24.17
CA VAL A 536 1.78 -6.85 25.50
C VAL A 536 1.06 -8.15 25.79
N LEU A 537 1.30 -8.72 26.96
CA LEU A 537 0.58 -9.88 27.46
C LEU A 537 -0.39 -9.43 28.54
N SER A 538 -1.68 -9.68 28.33
CA SER A 538 -2.70 -9.27 29.28
C SER A 538 -3.04 -10.41 30.22
N LEU A 539 -3.16 -10.09 31.51
CA LEU A 539 -3.45 -11.07 32.54
C LEU A 539 -4.56 -10.55 33.45
N ASP A 540 -5.27 -11.47 34.06
CA ASP A 540 -6.34 -11.15 35.01
C ASP A 540 -5.96 -11.68 36.39
N GLU A 541 -6.90 -11.57 37.33
CA GLU A 541 -6.63 -11.94 38.71
C GLU A 541 -6.34 -13.43 38.85
N ASP A 542 -7.11 -14.29 38.18
CA ASP A 542 -7.05 -15.73 38.37
C ASP A 542 -6.82 -16.45 37.04
N THR A 543 -5.85 -15.97 36.26
CA THR A 543 -5.45 -16.63 35.03
C THR A 543 -4.25 -17.52 35.33
N VAL A 544 -4.45 -18.83 35.26
CA VAL A 544 -3.40 -19.81 35.56
C VAL A 544 -2.60 -20.00 34.27
N LEU A 545 -1.59 -19.16 34.08
CA LEU A 545 -0.76 -19.17 32.89
C LEU A 545 0.68 -19.50 33.30
N SER A 546 1.14 -20.69 32.94
CA SER A 546 2.47 -21.13 33.30
C SER A 546 3.51 -20.51 32.36
N THR A 547 4.78 -20.62 32.75
CA THR A 547 5.86 -20.00 32.00
C THR A 547 6.01 -20.61 30.61
N THR A 548 5.90 -21.94 30.51
CA THR A 548 5.97 -22.59 29.20
C THR A 548 4.82 -22.12 28.30
N GLU A 549 3.63 -21.99 28.89
CA GLU A 549 2.49 -21.48 28.13
C GLU A 549 2.74 -20.07 27.63
N VAL A 550 3.30 -19.20 28.48
CA VAL A 550 3.59 -17.84 28.07
C VAL A 550 4.60 -17.83 26.93
N ASP A 551 5.66 -18.64 27.06
CA ASP A 551 6.68 -18.69 26.02
C ASP A 551 6.10 -19.17 24.69
N PHE A 552 5.28 -20.23 24.72
CA PHE A 552 4.70 -20.74 23.50
C PHE A 552 3.75 -19.72 22.87
N ALA A 553 2.94 -19.05 23.70
CA ALA A 553 2.06 -18.02 23.18
C ALA A 553 2.83 -16.89 22.53
N PHE A 554 3.94 -16.48 23.15
CA PHE A 554 4.74 -15.41 22.58
C PHE A 554 5.39 -15.83 21.27
N THR A 555 5.85 -17.09 21.19
CA THR A 555 6.43 -17.57 19.93
C THR A 555 5.38 -17.61 18.82
N VAL A 556 4.17 -18.08 19.15
CA VAL A 556 3.10 -18.10 18.16
C VAL A 556 2.76 -16.68 17.72
N TRP A 557 2.73 -15.74 18.67
CA TRP A 557 2.50 -14.34 18.30
C TRP A 557 3.62 -13.81 17.40
N GLN A 558 4.85 -14.25 17.65
CA GLN A 558 5.95 -13.88 16.75
C GLN A 558 5.72 -14.46 15.36
N SER A 559 5.05 -15.61 15.28
CA SER A 559 4.66 -16.14 13.97
C SER A 559 3.46 -15.39 13.38
N PHE A 560 2.53 -14.93 14.24
CA PHE A 560 1.33 -14.22 13.80
C PHE A 560 1.19 -12.94 14.60
N PRO A 561 1.88 -11.87 14.19
CA PRO A 561 1.92 -10.66 15.02
C PRO A 561 0.67 -9.80 14.89
N GLU A 562 0.01 -9.84 13.74
CA GLU A 562 -1.18 -9.03 13.53
C GLU A 562 -2.34 -9.50 14.40
N ARG A 563 -2.49 -10.82 14.55
CA ARG A 563 -3.66 -11.39 15.19
C ARG A 563 -3.53 -11.35 16.71
N ILE A 564 -4.56 -11.85 17.39
CA ILE A 564 -4.52 -12.08 18.83
C ILE A 564 -4.27 -13.55 19.07
N VAL A 565 -3.35 -13.86 19.98
CA VAL A 565 -2.98 -15.23 20.31
C VAL A 565 -3.29 -15.42 21.79
N GLY A 566 -4.24 -16.30 22.09
CA GLY A 566 -4.65 -16.50 23.47
C GLY A 566 -5.36 -17.82 23.67
N TYR A 567 -5.40 -18.23 24.92
CA TYR A 567 -5.96 -19.52 25.34
C TYR A 567 -7.48 -19.51 25.46
N PRO A 568 -8.10 -18.54 26.14
CA PRO A 568 -9.56 -18.54 26.22
C PRO A 568 -10.19 -18.09 24.91
N ALA A 569 -11.22 -18.82 24.49
CA ALA A 569 -11.91 -18.53 23.23
C ALA A 569 -13.40 -18.72 23.40
N ARG A 570 -14.17 -17.96 22.63
CA ARG A 570 -15.62 -18.07 22.59
C ARG A 570 -16.07 -17.80 21.16
N SER A 571 -17.35 -18.07 20.89
CA SER A 571 -17.86 -17.92 19.54
C SER A 571 -19.13 -17.09 19.53
N HIS A 572 -19.60 -16.80 18.32
CA HIS A 572 -20.81 -16.04 18.08
C HIS A 572 -21.72 -16.85 17.17
N PHE A 573 -23.02 -16.75 17.41
CA PHE A 573 -24.01 -17.48 16.63
C PHE A 573 -25.12 -16.56 16.20
N TRP A 574 -25.75 -16.88 15.06
CA TRP A 574 -26.87 -16.11 14.56
C TRP A 574 -28.16 -16.66 15.14
N ASP A 575 -28.77 -15.90 16.05
CA ASP A 575 -30.05 -16.27 16.66
C ASP A 575 -31.13 -15.97 15.64
N ASN A 576 -31.43 -17.00 14.83
CA ASN A 576 -32.45 -16.90 13.79
C ASN A 576 -33.85 -16.81 14.38
N SER A 577 -34.05 -17.25 15.62
CA SER A 577 -35.37 -17.12 16.24
C SER A 577 -35.68 -15.68 16.60
N LYS A 578 -34.64 -14.89 16.90
CA LYS A 578 -34.79 -13.49 17.24
C LYS A 578 -34.16 -12.57 16.22
N GLU A 579 -33.46 -13.10 15.22
CA GLU A 579 -32.77 -12.32 14.21
C GLU A 579 -31.74 -11.38 14.85
N ARG A 580 -30.78 -11.97 15.55
CA ARG A 580 -29.77 -11.18 16.22
C ARG A 580 -28.49 -11.98 16.35
N TRP A 581 -27.50 -11.41 17.03
CA TRP A 581 -26.25 -12.08 17.32
C TRP A 581 -26.23 -12.55 18.77
N GLY A 582 -25.58 -13.69 19.01
CA GLY A 582 -25.49 -14.24 20.33
C GLY A 582 -24.05 -14.67 20.64
N TYR A 583 -23.77 -14.72 21.93
CA TYR A 583 -22.45 -15.04 22.47
C TYR A 583 -22.50 -16.42 23.12
N THR A 584 -21.72 -17.36 22.58
CA THR A 584 -21.67 -18.72 23.11
C THR A 584 -20.27 -18.99 23.67
N SER A 585 -20.23 -19.32 24.96
CA SER A 585 -19.01 -19.77 25.63
C SER A 585 -18.90 -21.29 25.69
N LYS A 586 -19.89 -22.00 25.16
CA LYS A 586 -19.87 -23.46 25.19
C LYS A 586 -18.80 -24.01 24.26
N TRP A 587 -18.23 -25.14 24.66
CA TRP A 587 -17.19 -25.79 23.86
C TRP A 587 -17.81 -26.35 22.60
N THR A 588 -17.59 -25.67 21.47
CA THR A 588 -18.16 -26.04 20.20
C THR A 588 -17.07 -26.50 19.24
N ASN A 589 -17.46 -26.78 18.00
CA ASN A 589 -16.53 -27.27 17.00
C ASN A 589 -15.61 -26.21 16.45
N ASP A 590 -15.86 -24.93 16.77
CA ASP A 590 -15.03 -23.84 16.26
C ASP A 590 -15.10 -22.68 17.23
N TYR A 591 -14.40 -21.59 16.88
CA TYR A 591 -14.37 -20.39 17.68
C TYR A 591 -14.16 -19.20 16.76
N SER A 592 -14.50 -18.01 17.26
CA SER A 592 -14.31 -16.79 16.49
C SER A 592 -13.77 -15.62 17.30
N MET A 593 -13.53 -15.79 18.60
CA MET A 593 -13.15 -14.70 19.45
C MET A 593 -12.26 -15.21 20.57
N VAL A 594 -11.13 -14.54 20.78
CA VAL A 594 -10.19 -14.88 21.85
C VAL A 594 -10.19 -13.72 22.84
N LEU A 595 -10.57 -14.00 24.08
CA LEU A 595 -10.69 -12.96 25.08
C LEU A 595 -9.34 -12.31 25.35
N THR A 596 -9.32 -10.98 25.36
CA THR A 596 -8.11 -10.22 25.61
C THR A 596 -7.84 -10.11 27.10
N GLY A 597 -7.84 -11.24 27.79
CA GLY A 597 -7.54 -11.27 29.21
C GLY A 597 -6.42 -12.22 29.56
N ALA A 598 -6.14 -13.15 28.65
CA ALA A 598 -5.01 -14.08 28.77
C ALA A 598 -4.35 -14.27 27.42
N ALA A 599 -4.14 -13.18 26.69
CA ALA A 599 -3.67 -13.24 25.32
C ALA A 599 -2.55 -12.23 25.10
N ILE A 600 -1.76 -12.49 24.06
CA ILE A 600 -0.62 -11.64 23.70
C ILE A 600 -0.97 -10.93 22.39
N TYR A 601 -0.67 -9.64 22.32
CA TYR A 601 -1.00 -8.86 21.14
C TYR A 601 -0.16 -7.61 21.10
N HIS A 602 -0.12 -6.98 19.93
CA HIS A 602 0.68 -5.77 19.77
C HIS A 602 0.10 -4.64 20.60
N LYS A 603 0.97 -3.76 21.10
CA LYS A 603 0.52 -2.65 21.92
C LYS A 603 -0.12 -1.54 21.10
N TYR A 604 0.07 -1.53 19.78
CA TYR A 604 -0.58 -0.50 18.97
C TYR A 604 -2.09 -0.56 19.09
N TYR A 605 -2.64 -1.76 19.30
CA TYR A 605 -4.09 -1.87 19.39
C TYR A 605 -4.60 -1.13 20.61
N HIS A 606 -3.79 -1.05 21.68
CA HIS A 606 -4.17 -0.22 22.81
C HIS A 606 -4.41 1.20 22.37
N TYR A 607 -3.46 1.77 21.63
CA TYR A 607 -3.65 3.13 21.15
C TYR A 607 -4.86 3.20 20.24
N LEU A 608 -5.05 2.17 19.41
CA LEU A 608 -6.19 2.18 18.51
C LEU A 608 -7.48 2.14 19.31
N TYR A 609 -7.49 1.33 20.38
CA TYR A 609 -8.66 1.28 21.24
C TYR A 609 -8.91 2.65 21.85
N SER A 610 -7.84 3.36 22.21
CA SER A 610 -8.00 4.68 22.78
C SER A 610 -8.30 5.75 21.73
N HIS A 611 -8.01 5.49 20.45
CA HIS A 611 -8.10 6.58 19.49
C HIS A 611 -8.78 6.20 18.18
N TYR A 612 -9.53 5.12 18.15
CA TYR A 612 -10.32 4.87 16.95
C TYR A 612 -11.78 4.58 17.27
N LEU A 613 -12.04 3.86 18.35
CA LEU A 613 -13.41 3.61 18.76
C LEU A 613 -14.05 4.88 19.31
N PRO A 614 -15.33 5.09 19.06
CA PRO A 614 -15.98 6.33 19.51
C PRO A 614 -16.17 6.33 21.01
N ALA A 615 -16.45 7.54 21.53
CA ALA A 615 -16.62 7.69 22.97
C ALA A 615 -17.82 6.90 23.48
N SER A 616 -18.81 6.65 22.63
CA SER A 616 -20.04 5.99 23.09
C SER A 616 -19.78 4.54 23.47
N LEU A 617 -19.06 3.80 22.62
CA LEU A 617 -18.80 2.39 22.90
C LEU A 617 -17.95 2.23 24.15
N LYS A 618 -16.90 3.03 24.27
CA LYS A 618 -16.06 2.94 25.47
C LYS A 618 -16.84 3.37 26.72
N ASN A 619 -17.70 4.38 26.58
CA ASN A 619 -18.52 4.82 27.70
C ASN A 619 -19.44 3.70 28.19
N MET A 620 -20.12 3.03 27.27
CA MET A 620 -21.02 1.95 27.69
C MET A 620 -20.22 0.77 28.24
N VAL A 621 -19.06 0.48 27.66
CA VAL A 621 -18.22 -0.61 28.17
C VAL A 621 -17.77 -0.31 29.59
N ASP A 622 -17.50 0.95 29.90
CA ASP A 622 -17.16 1.32 31.28
C ASP A 622 -18.38 1.24 32.18
N GLN A 623 -19.54 1.71 31.69
CA GLN A 623 -20.72 1.79 32.54
C GLN A 623 -21.22 0.41 32.94
N LEU A 624 -21.20 -0.55 32.01
CA LEU A 624 -21.62 -1.90 32.34
C LEU A 624 -20.47 -2.78 32.83
N ALA A 625 -19.24 -2.26 32.84
CA ALA A 625 -18.09 -2.93 33.44
C ALA A 625 -17.85 -4.32 32.84
N ASN A 626 -18.01 -4.42 31.52
CA ASN A 626 -17.76 -5.67 30.82
C ASN A 626 -17.65 -5.35 29.33
N CYS A 627 -17.45 -6.40 28.53
CA CYS A 627 -17.42 -6.31 27.07
C CYS A 627 -16.19 -5.59 26.54
N GLU A 628 -15.09 -5.61 27.29
CA GLU A 628 -13.86 -4.99 26.79
C GLU A 628 -13.10 -5.95 25.88
N ASP A 629 -13.01 -7.22 26.26
CA ASP A 629 -12.34 -8.21 25.41
C ASP A 629 -13.12 -8.44 24.13
N ILE A 630 -14.45 -8.46 24.21
CA ILE A 630 -15.27 -8.63 23.02
C ILE A 630 -15.06 -7.47 22.06
N LEU A 631 -15.05 -6.25 22.58
CA LEU A 631 -14.83 -5.08 21.73
C LEU A 631 -13.43 -5.09 21.13
N MET A 632 -12.43 -5.50 21.90
CA MET A 632 -11.07 -5.59 21.37
C MET A 632 -11.00 -6.62 20.26
N ASN A 633 -11.67 -7.77 20.43
CA ASN A 633 -11.70 -8.77 19.37
C ASN A 633 -12.40 -8.24 18.13
N PHE A 634 -13.51 -7.52 18.31
CA PHE A 634 -14.18 -6.90 17.17
C PHE A 634 -13.23 -5.97 16.43
N LEU A 635 -12.49 -5.14 17.16
CA LEU A 635 -11.59 -4.20 16.53
C LEU A 635 -10.46 -4.90 15.78
N VAL A 636 -9.86 -5.92 16.40
CA VAL A 636 -8.72 -6.60 15.75
C VAL A 636 -9.21 -7.41 14.56
N SER A 637 -10.41 -7.97 14.61
CA SER A 637 -10.95 -8.67 13.45
C SER A 637 -11.32 -7.70 12.34
N ALA A 638 -11.76 -6.50 12.68
CA ALA A 638 -11.96 -5.48 11.66
C ALA A 638 -10.65 -5.08 11.00
N VAL A 639 -9.59 -4.96 11.80
CA VAL A 639 -8.28 -4.58 11.26
C VAL A 639 -7.73 -5.69 10.36
N THR A 640 -7.52 -6.87 10.92
CA THR A 640 -6.81 -7.95 10.23
C THR A 640 -7.70 -8.73 9.27
N LYS A 641 -9.02 -8.74 9.50
CA LYS A 641 -9.95 -9.55 8.71
C LYS A 641 -9.60 -11.04 8.79
N LEU A 642 -9.05 -11.46 9.92
CA LEU A 642 -8.65 -12.83 10.16
C LEU A 642 -9.19 -13.30 11.51
N PRO A 643 -9.52 -14.59 11.62
CA PRO A 643 -9.93 -15.11 12.92
C PRO A 643 -8.77 -15.10 13.91
N PRO A 644 -9.05 -14.98 15.19
CA PRO A 644 -7.97 -15.03 16.19
C PRO A 644 -7.35 -16.42 16.27
N ILE A 645 -6.22 -16.48 16.97
CA ILE A 645 -5.44 -17.70 17.08
C ILE A 645 -5.56 -18.23 18.50
N LYS A 646 -6.11 -19.43 18.64
CA LYS A 646 -6.21 -20.10 19.95
C LYS A 646 -5.08 -21.10 20.07
N VAL A 647 -4.44 -21.10 21.24
CA VAL A 647 -3.25 -21.92 21.50
C VAL A 647 -3.56 -22.91 22.62
N THR A 648 -3.17 -24.17 22.40
CA THR A 648 -3.30 -25.25 23.37
C THR A 648 -4.77 -25.61 23.58
N GLN A 649 -5.04 -26.76 24.19
CA GLN A 649 -6.42 -27.16 24.44
C GLN A 649 -7.03 -26.31 25.56
N LYS A 650 -6.46 -26.37 26.77
CA LYS A 650 -6.89 -25.57 27.91
C LYS A 650 -8.41 -25.55 28.07
N LYS A 651 -8.99 -24.35 28.05
CA LYS A 651 -10.44 -24.15 28.14
C LYS A 651 -10.96 -24.60 29.50
N GLN A 652 -10.47 -23.96 30.56
CA GLN A 652 -10.90 -24.27 31.92
C GLN A 652 -12.38 -23.93 32.13
N PHE A 673 -24.74 -12.13 30.96
CA PHE A 673 -25.07 -12.84 29.72
C PHE A 673 -25.76 -11.92 28.72
N ALA A 674 -26.94 -11.44 29.10
CA ALA A 674 -27.68 -10.52 28.23
C ALA A 674 -26.88 -9.26 27.92
N GLN A 675 -26.07 -8.80 28.87
CA GLN A 675 -25.17 -7.67 28.60
C GLN A 675 -24.24 -7.98 27.44
N ARG A 676 -23.70 -9.20 27.40
CA ARG A 676 -22.79 -9.58 26.32
C ARG A 676 -23.50 -9.60 24.97
N GLN A 677 -24.73 -10.12 24.93
CA GLN A 677 -25.49 -10.11 23.68
C GLN A 677 -25.77 -8.69 23.22
N SER A 678 -26.17 -7.82 24.14
CA SER A 678 -26.39 -6.43 23.79
C SER A 678 -25.13 -5.77 23.28
N CYS A 679 -23.98 -6.10 23.90
CA CYS A 679 -22.71 -5.59 23.42
C CYS A 679 -22.42 -6.04 22.01
N MET A 680 -22.65 -7.33 21.73
CA MET A 680 -22.44 -7.83 20.37
C MET A 680 -23.31 -7.10 19.37
N ASN A 681 -24.59 -6.89 19.71
CA ASN A 681 -25.48 -6.23 18.77
C ASN A 681 -25.09 -4.77 18.57
N THR A 682 -24.67 -4.08 19.63
CA THR A 682 -24.22 -2.70 19.51
C THR A 682 -22.97 -2.60 18.66
N PHE A 683 -22.01 -3.51 18.87
CA PHE A 683 -20.79 -3.50 18.07
C PHE A 683 -21.09 -3.79 16.61
N ALA A 684 -21.97 -4.77 16.34
CA ALA A 684 -22.35 -5.05 14.97
C ALA A 684 -23.03 -3.85 14.32
N SER A 685 -23.85 -3.13 15.08
CA SER A 685 -24.50 -1.94 14.54
C SER A 685 -23.48 -0.85 14.24
N TRP A 686 -22.53 -0.61 15.14
CA TRP A 686 -21.57 0.47 14.92
C TRP A 686 -20.60 0.14 13.78
N PHE A 687 -20.14 -1.11 13.71
CA PHE A 687 -19.26 -1.49 12.61
C PHE A 687 -20.01 -1.62 11.29
N GLY A 688 -21.33 -1.85 11.34
CA GLY A 688 -22.11 -2.03 10.15
C GLY A 688 -22.05 -3.41 9.55
N TYR A 689 -21.37 -4.35 10.20
CA TYR A 689 -21.23 -5.73 9.71
C TYR A 689 -20.72 -6.56 10.88
N MET A 690 -20.47 -7.83 10.61
CA MET A 690 -19.88 -8.72 11.60
C MET A 690 -18.43 -9.00 11.22
N PRO A 691 -17.45 -8.43 11.92
CA PRO A 691 -16.04 -8.71 11.57
C PRO A 691 -15.55 -10.06 12.06
N LEU A 692 -16.26 -10.70 12.99
CA LEU A 692 -15.78 -11.94 13.57
C LEU A 692 -15.83 -13.07 12.55
N ILE A 693 -14.83 -13.95 12.61
CA ILE A 693 -14.67 -15.04 11.66
C ILE A 693 -14.41 -16.32 12.45
N HIS A 694 -15.14 -17.39 12.11
CA HIS A 694 -15.00 -18.65 12.82
C HIS A 694 -13.74 -19.39 12.39
N SER A 695 -13.12 -20.08 13.36
CA SER A 695 -11.92 -20.87 13.12
C SER A 695 -12.11 -22.22 13.78
N GLN A 696 -11.77 -23.29 13.05
CA GLN A 696 -11.85 -24.64 13.61
C GLN A 696 -10.52 -25.21 14.08
N MET A 697 -9.40 -24.59 13.73
CA MET A 697 -8.09 -25.14 14.05
C MET A 697 -7.51 -24.42 15.27
N ARG A 698 -7.12 -25.20 16.28
CA ARG A 698 -6.31 -24.68 17.37
C ARG A 698 -4.84 -24.75 16.96
N LEU A 699 -3.95 -24.21 17.79
CA LEU A 699 -2.51 -24.34 17.58
C LEU A 699 -1.88 -24.97 18.82
N ASP A 700 -1.16 -26.06 18.63
CA ASP A 700 -0.58 -26.81 19.73
C ASP A 700 0.93 -26.96 19.54
N PRO A 701 1.67 -27.16 20.62
CA PRO A 701 3.09 -27.49 20.48
C PRO A 701 3.27 -28.82 19.77
N VAL A 702 4.24 -28.87 18.86
CA VAL A 702 4.59 -30.11 18.18
C VAL A 702 4.84 -31.21 19.21
N LEU A 703 4.69 -32.47 18.78
CA LEU A 703 4.75 -33.62 19.69
C LEU A 703 3.70 -33.50 20.79
N PRO B 35 7.12 30.97 -27.24
CA PRO B 35 6.35 30.26 -26.21
C PRO B 35 5.46 31.21 -25.41
N GLU B 36 4.76 30.67 -24.41
CA GLU B 36 3.80 31.44 -23.61
C GLU B 36 4.06 31.24 -22.13
N ARG B 37 5.34 31.32 -21.73
CA ARG B 37 5.76 31.40 -20.35
C ARG B 37 5.56 30.08 -19.61
N GLY B 38 4.93 29.11 -20.27
CA GLY B 38 4.66 27.83 -19.64
C GLY B 38 3.25 27.71 -19.10
N ASP B 39 2.42 26.92 -19.77
CA ASP B 39 1.03 26.73 -19.38
C ASP B 39 0.99 25.91 -18.09
N LEU B 40 0.72 26.57 -16.98
CA LEU B 40 0.68 25.90 -15.68
C LEU B 40 -0.50 24.95 -15.55
N SER B 41 -1.46 25.01 -16.47
CA SER B 41 -2.60 24.09 -16.48
C SER B 41 -2.34 22.84 -17.31
N CYS B 42 -1.17 22.71 -17.93
CA CYS B 42 -0.87 21.55 -18.73
C CYS B 42 -0.79 20.29 -17.88
N ARG B 43 -1.34 19.20 -18.40
CA ARG B 43 -1.33 17.91 -17.72
C ARG B 43 -1.06 16.82 -18.74
N MET B 44 -0.85 15.60 -18.25
CA MET B 44 -0.49 14.47 -19.11
C MET B 44 -1.61 14.04 -20.03
N HIS B 45 -2.83 14.53 -19.82
CA HIS B 45 -3.96 14.18 -20.68
C HIS B 45 -4.41 15.31 -21.59
N THR B 46 -4.05 16.56 -21.28
CA THR B 46 -4.44 17.70 -22.09
C THR B 46 -3.31 18.29 -22.90
N CYS B 47 -2.06 18.03 -22.54
CA CYS B 47 -0.92 18.56 -23.27
C CYS B 47 0.04 17.50 -23.75
N PHE B 48 0.24 16.43 -22.98
CA PHE B 48 1.14 15.36 -23.38
C PHE B 48 0.57 14.59 -24.56
N ASP B 49 1.44 14.27 -25.52
CA ASP B 49 1.05 13.52 -26.71
C ASP B 49 1.49 12.07 -26.53
N VAL B 50 0.55 11.14 -26.70
CA VAL B 50 0.80 9.73 -26.47
C VAL B 50 0.58 8.88 -27.71
N TYR B 51 0.08 9.45 -28.81
CA TYR B 51 -0.12 8.68 -30.02
C TYR B 51 1.20 8.14 -30.56
N ARG B 52 2.24 8.97 -30.57
CA ARG B 52 3.54 8.55 -31.09
C ARG B 52 4.25 7.57 -30.15
N CYS B 53 3.78 7.42 -28.92
CA CYS B 53 4.37 6.54 -27.93
C CYS B 53 3.33 5.46 -27.59
N GLY B 54 3.36 4.37 -28.36
CA GLY B 54 2.31 3.38 -28.28
C GLY B 54 2.51 2.29 -27.25
N PHE B 55 2.54 1.05 -27.72
CA PHE B 55 2.56 -0.14 -26.86
C PHE B 55 3.72 -1.05 -27.23
N ASN B 56 4.92 -0.48 -27.24
CA ASN B 56 6.12 -1.27 -27.51
C ASN B 56 6.19 -2.44 -26.52
N PRO B 57 6.44 -3.67 -27.00
CA PRO B 57 6.34 -4.83 -26.11
C PRO B 57 7.27 -4.78 -24.91
N LYS B 58 8.45 -4.20 -25.05
CA LYS B 58 9.35 -4.05 -23.91
C LYS B 58 8.86 -3.02 -22.90
N ASN B 59 7.86 -2.22 -23.26
CA ASN B 59 7.33 -1.16 -22.38
C ASN B 59 8.43 -0.20 -21.96
N LYS B 60 9.19 0.29 -22.93
CA LYS B 60 10.27 1.23 -22.70
C LYS B 60 10.12 2.41 -23.65
N ILE B 61 10.31 3.62 -23.11
CA ILE B 61 10.11 4.85 -23.87
C ILE B 61 11.34 5.14 -24.71
N LYS B 62 11.21 6.03 -25.68
CA LYS B 62 12.30 6.46 -26.54
C LYS B 62 12.62 7.92 -26.24
N VAL B 63 13.88 8.20 -25.94
CA VAL B 63 14.32 9.55 -25.57
C VAL B 63 15.32 10.01 -26.62
N TYR B 64 14.84 10.71 -27.63
CA TYR B 64 15.72 11.27 -28.65
C TYR B 64 16.36 12.55 -28.16
N ILE B 65 17.63 12.75 -28.53
CA ILE B 65 18.40 13.92 -28.14
C ILE B 65 18.71 14.72 -29.38
N TYR B 66 18.46 16.04 -29.33
CA TYR B 66 18.79 16.91 -30.44
C TYR B 66 20.29 17.06 -30.59
N ALA B 67 20.75 17.16 -31.83
CA ALA B 67 22.17 17.34 -32.09
C ALA B 67 22.65 18.70 -31.58
N LEU B 68 23.91 18.76 -31.18
CA LEU B 68 24.47 19.98 -30.63
C LEU B 68 24.54 21.07 -31.70
N LYS B 69 24.22 22.30 -31.31
CA LYS B 69 24.26 23.45 -32.21
C LYS B 69 24.94 24.61 -31.51
N LYS B 70 25.50 25.52 -32.32
CA LYS B 70 26.18 26.69 -31.76
C LYS B 70 25.19 27.67 -31.16
N TYR B 71 24.12 27.97 -31.89
CA TYR B 71 23.07 28.90 -31.45
C TYR B 71 23.66 30.25 -31.04
N VAL B 72 24.27 30.92 -32.01
CA VAL B 72 24.86 32.23 -31.79
C VAL B 72 23.84 33.32 -32.10
N SER B 80 24.55 31.01 -27.73
CA SER B 80 24.30 30.14 -26.59
C SER B 80 25.57 29.89 -25.80
N ASN B 81 25.43 29.76 -24.49
CA ASN B 81 26.57 29.47 -23.63
C ASN B 81 27.10 28.06 -23.89
N THR B 82 28.36 27.85 -23.53
CA THR B 82 28.99 26.55 -23.73
C THR B 82 28.33 25.50 -22.86
N ILE B 83 28.23 24.28 -23.39
CA ILE B 83 27.62 23.18 -22.65
C ILE B 83 28.51 22.81 -21.47
N SER B 84 27.93 22.82 -20.28
CA SER B 84 28.68 22.48 -19.08
C SER B 84 29.02 20.99 -19.06
N ARG B 85 29.90 20.62 -18.13
CA ARG B 85 30.26 19.22 -17.99
C ARG B 85 29.08 18.38 -17.49
N GLU B 86 28.25 18.96 -16.62
CA GLU B 86 27.10 18.23 -16.10
C GLU B 86 26.11 17.90 -17.21
N TYR B 87 25.87 18.84 -18.11
CA TYR B 87 24.95 18.56 -19.22
C TYR B 87 25.54 17.55 -20.19
N ASN B 88 26.86 17.56 -20.37
CA ASN B 88 27.50 16.52 -21.18
C ASN B 88 27.32 15.15 -20.54
N GLU B 89 27.47 15.06 -19.21
CA GLU B 89 27.22 13.81 -18.52
C GLU B 89 25.77 13.38 -18.69
N LEU B 90 24.84 14.34 -18.63
CA LEU B 90 23.42 14.04 -18.83
C LEU B 90 23.18 13.44 -20.21
N LEU B 91 23.75 14.08 -21.24
CA LEU B 91 23.56 13.60 -22.60
C LEU B 91 24.16 12.22 -22.79
N MET B 92 25.38 12.00 -22.28
CA MET B 92 26.01 10.69 -22.41
C MET B 92 25.22 9.62 -21.67
N ALA B 93 24.72 9.94 -20.49
CA ALA B 93 23.94 8.96 -19.72
C ALA B 93 22.64 8.60 -20.42
N ILE B 94 21.96 9.59 -21.01
CA ILE B 94 20.73 9.30 -21.73
C ILE B 94 21.03 8.49 -22.98
N SER B 95 22.13 8.80 -23.67
CA SER B 95 22.48 8.09 -24.90
C SER B 95 22.85 6.64 -24.61
N ASP B 96 23.61 6.39 -23.54
CA ASP B 96 24.11 5.05 -23.26
C ASP B 96 23.03 4.12 -22.74
N SER B 97 21.98 4.65 -22.13
CA SER B 97 20.90 3.82 -21.61
C SER B 97 20.01 3.33 -22.75
N ASP B 98 19.13 2.39 -22.43
CA ASP B 98 18.20 1.85 -23.41
C ASP B 98 17.08 2.82 -23.77
N TYR B 99 16.96 3.93 -23.04
CA TYR B 99 15.97 4.95 -23.39
C TYR B 99 16.30 5.65 -24.70
N TYR B 100 17.56 5.67 -25.10
CA TYR B 100 17.98 6.45 -26.27
C TYR B 100 17.40 5.88 -27.55
N THR B 101 17.18 6.76 -28.53
CA THR B 101 16.70 6.36 -29.84
C THR B 101 17.13 7.41 -30.85
N ASP B 102 17.83 6.99 -31.90
CA ASP B 102 18.30 7.91 -32.92
C ASP B 102 17.27 8.20 -34.00
N ASP B 103 16.12 7.52 -33.97
CA ASP B 103 15.07 7.75 -34.95
C ASP B 103 14.18 8.88 -34.44
N ILE B 104 14.17 10.01 -35.16
CA ILE B 104 13.39 11.16 -34.73
C ILE B 104 11.89 10.88 -34.81
N ASN B 105 11.46 10.10 -35.82
CA ASN B 105 10.04 9.86 -36.04
C ASN B 105 9.48 8.75 -35.16
N ARG B 106 10.32 8.06 -34.39
CA ARG B 106 9.88 6.99 -33.50
C ARG B 106 10.30 7.29 -32.06
N ALA B 107 10.28 8.56 -31.69
CA ALA B 107 10.75 9.00 -30.38
C ALA B 107 9.57 9.28 -29.47
N CYS B 108 9.64 8.76 -28.24
CA CYS B 108 8.60 9.04 -27.24
C CYS B 108 8.83 10.40 -26.60
N LEU B 109 9.99 10.59 -25.99
CA LEU B 109 10.38 11.85 -25.36
C LEU B 109 11.41 12.57 -26.23
N PHE B 110 11.56 13.86 -25.96
CA PHE B 110 12.57 14.68 -26.62
C PHE B 110 13.40 15.40 -25.56
N VAL B 111 14.63 15.74 -25.93
CA VAL B 111 15.57 16.44 -25.06
C VAL B 111 16.44 17.35 -25.90
N PRO B 112 16.45 18.66 -25.66
CA PRO B 112 17.28 19.57 -26.43
C PRO B 112 18.74 19.50 -25.99
N SER B 113 19.57 20.26 -26.69
CA SER B 113 20.99 20.35 -26.37
C SER B 113 21.35 21.64 -25.64
N ILE B 114 20.37 22.49 -25.34
CA ILE B 114 20.61 23.77 -24.70
C ILE B 114 20.72 23.53 -23.19
N ASP B 115 21.92 23.70 -22.64
CA ASP B 115 22.13 23.52 -21.21
C ASP B 115 21.40 24.62 -20.45
N VAL B 116 20.30 24.26 -19.80
CA VAL B 116 19.51 25.22 -19.03
C VAL B 116 19.51 24.80 -17.57
N LEU B 117 20.58 24.14 -17.13
CA LEU B 117 20.65 23.67 -15.76
C LEU B 117 20.63 24.83 -14.78
N ASN B 118 21.37 25.88 -15.07
CA ASN B 118 21.38 27.09 -14.23
C ASN B 118 21.21 28.30 -15.15
N GLN B 119 20.04 28.93 -15.09
CA GLN B 119 19.80 30.08 -15.95
C GLN B 119 20.37 31.37 -15.37
N ASN B 120 20.90 31.33 -14.13
CA ASN B 120 21.61 32.48 -13.58
C ASN B 120 22.80 32.86 -14.46
N THR B 121 23.36 31.90 -15.20
CA THR B 121 24.39 32.16 -16.20
C THR B 121 23.81 32.13 -17.61
N LEU B 122 22.51 32.35 -17.76
CA LEU B 122 21.83 32.35 -19.04
C LEU B 122 21.13 33.68 -19.26
N ARG B 123 20.97 34.05 -20.52
CA ARG B 123 20.36 35.34 -20.85
C ARG B 123 18.87 35.36 -20.55
N ILE B 124 18.25 34.21 -20.34
CA ILE B 124 16.80 34.07 -20.20
C ILE B 124 16.11 34.74 -21.38
N LYS B 125 16.80 34.77 -22.52
CA LYS B 125 16.33 35.39 -23.76
C LYS B 125 17.20 34.85 -24.88
N GLU B 126 16.58 34.68 -26.06
CA GLU B 126 17.20 34.07 -27.24
C GLU B 126 17.42 32.58 -27.05
N THR B 127 17.26 32.09 -25.81
CA THR B 127 17.22 30.66 -25.56
C THR B 127 15.83 30.09 -25.81
N ALA B 128 14.78 30.88 -25.54
CA ALA B 128 13.45 30.51 -26.01
C ALA B 128 13.41 30.47 -27.53
N GLN B 129 14.14 31.38 -28.18
CA GLN B 129 14.26 31.34 -29.63
C GLN B 129 14.89 30.03 -30.09
N ALA B 130 15.95 29.59 -29.39
CA ALA B 130 16.58 28.32 -29.72
C ALA B 130 15.62 27.16 -29.49
N MET B 131 14.87 27.18 -28.38
CA MET B 131 13.94 26.10 -28.09
C MET B 131 12.84 26.01 -29.15
N ALA B 132 12.29 27.15 -29.55
CA ALA B 132 11.30 27.14 -30.62
C ALA B 132 11.91 26.76 -31.97
N GLN B 133 13.21 27.04 -32.15
CA GLN B 133 13.89 26.67 -33.37
C GLN B 133 14.04 25.16 -33.51
N LEU B 134 14.01 24.42 -32.41
CA LEU B 134 14.18 22.98 -32.44
C LEU B 134 13.13 22.33 -33.35
N SER B 135 13.58 21.36 -34.14
CA SER B 135 12.66 20.63 -34.99
C SER B 135 11.67 19.83 -34.15
N ARG B 136 10.47 19.65 -34.70
CA ARG B 136 9.36 18.95 -34.05
C ARG B 136 8.88 19.67 -32.79
N TRP B 137 9.26 20.93 -32.61
CA TRP B 137 8.74 21.74 -31.51
C TRP B 137 7.54 22.53 -32.03
N ASP B 138 6.38 21.86 -32.03
CA ASP B 138 5.13 22.55 -32.31
C ASP B 138 4.79 23.51 -31.16
N ARG B 139 4.65 22.96 -29.96
CA ARG B 139 4.53 23.77 -28.75
C ARG B 139 5.35 23.19 -27.60
N GLY B 140 6.35 22.36 -27.90
CA GLY B 140 7.10 21.67 -26.87
C GLY B 140 6.30 20.62 -26.12
N THR B 141 5.44 19.89 -26.83
CA THR B 141 4.50 18.98 -26.17
C THR B 141 5.24 17.88 -25.41
N ASN B 142 6.29 17.32 -26.01
CA ASN B 142 6.99 16.18 -25.42
C ASN B 142 8.42 16.51 -25.00
N HIS B 143 8.94 17.69 -25.31
CA HIS B 143 10.32 18.01 -24.99
C HIS B 143 10.53 18.10 -23.49
N LEU B 144 11.67 17.60 -23.03
CA LEU B 144 12.01 17.55 -21.62
C LEU B 144 13.19 18.47 -21.34
N LEU B 145 13.03 19.36 -20.38
CA LEU B 145 14.06 20.34 -20.03
C LEU B 145 14.59 20.05 -18.63
N PHE B 146 15.90 19.89 -18.53
CA PHE B 146 16.56 19.65 -17.25
C PHE B 146 17.12 20.97 -16.71
N ASN B 147 16.61 21.39 -15.55
CA ASN B 147 17.08 22.59 -14.88
C ASN B 147 17.43 22.26 -13.45
N MET B 148 18.48 22.89 -12.94
CA MET B 148 18.93 22.68 -11.57
C MET B 148 18.64 23.85 -10.65
N LEU B 149 18.80 25.08 -11.14
CA LEU B 149 18.58 26.29 -10.34
C LEU B 149 17.70 27.25 -11.14
N PRO B 150 16.42 27.37 -10.80
CA PRO B 150 15.53 28.25 -11.54
C PRO B 150 15.52 29.67 -10.98
N GLY B 151 15.00 30.57 -11.78
CA GLY B 151 14.83 31.95 -11.36
C GLY B 151 16.12 32.76 -11.46
N GLY B 152 15.99 34.03 -11.10
CA GLY B 152 17.11 34.94 -11.11
C GLY B 152 16.76 36.23 -10.39
N PRO B 153 17.56 37.28 -10.60
CA PRO B 153 17.29 38.55 -9.93
C PRO B 153 16.08 39.23 -10.54
N PRO B 154 15.23 39.86 -9.72
CA PRO B 154 15.27 39.89 -8.26
C PRO B 154 14.22 39.00 -7.61
N ASP B 155 13.20 38.56 -8.38
CA ASP B 155 12.11 37.80 -7.80
C ASP B 155 12.48 36.35 -7.49
N TYR B 156 13.39 35.77 -8.27
CA TYR B 156 13.84 34.38 -8.09
C TYR B 156 12.65 33.42 -8.17
N ASN B 157 12.07 33.36 -9.37
CA ASN B 157 10.99 32.43 -9.66
C ASN B 157 11.48 30.99 -9.48
N THR B 158 10.52 30.05 -9.51
CA THR B 158 10.81 28.68 -9.13
C THR B 158 10.81 27.70 -10.29
N ALA B 159 10.43 28.12 -11.51
CA ALA B 159 10.45 27.20 -12.64
C ALA B 159 10.84 27.92 -13.93
N LEU B 160 12.14 27.95 -14.23
CA LEU B 160 12.67 28.19 -15.58
C LEU B 160 11.99 29.38 -16.27
N ASP B 161 12.28 30.57 -15.76
CA ASP B 161 11.68 31.80 -16.24
C ASP B 161 11.73 31.97 -17.76
N VAL B 162 12.54 31.17 -18.44
CA VAL B 162 12.54 31.20 -19.91
C VAL B 162 11.17 30.81 -20.42
N PRO B 163 10.65 31.44 -21.47
CA PRO B 163 9.35 31.02 -22.02
C PRO B 163 9.41 29.58 -22.54
N ARG B 164 8.48 28.76 -22.05
CA ARG B 164 8.43 27.34 -22.39
C ARG B 164 7.15 26.92 -23.09
N ASP B 165 6.00 27.50 -22.75
CA ASP B 165 4.68 27.03 -23.17
C ASP B 165 4.57 25.59 -22.68
N ARG B 166 4.09 24.64 -23.49
CA ARG B 166 4.13 23.25 -23.09
C ARG B 166 5.59 22.78 -23.06
N ALA B 167 5.98 22.17 -21.95
CA ALA B 167 7.32 21.61 -21.82
C ALA B 167 7.42 20.70 -20.60
N LEU B 168 7.85 19.46 -20.81
CA LEU B 168 8.17 18.59 -19.68
C LEU B 168 9.33 19.20 -18.91
N LEU B 169 9.07 19.67 -17.69
CA LEU B 169 10.07 20.41 -16.92
C LEU B 169 10.58 19.53 -15.79
N ALA B 170 11.74 18.91 -16.00
CA ALA B 170 12.48 18.27 -14.92
C ALA B 170 13.38 19.33 -14.31
N GLY B 171 12.98 19.85 -13.15
CA GLY B 171 13.68 20.98 -12.58
C GLY B 171 13.72 20.92 -11.06
N GLY B 172 14.73 21.59 -10.51
CA GLY B 172 14.83 21.77 -9.08
C GLY B 172 14.22 23.09 -8.62
N GLY B 173 14.17 23.25 -7.30
CA GLY B 173 13.59 24.44 -6.72
C GLY B 173 12.14 24.66 -7.09
N PHE B 174 11.34 23.60 -7.01
CA PHE B 174 9.95 23.64 -7.43
C PHE B 174 9.07 24.12 -6.28
N SER B 175 8.09 24.95 -6.62
CA SER B 175 7.12 25.46 -5.65
C SER B 175 5.75 24.82 -5.92
N THR B 176 4.96 24.70 -4.85
CA THR B 176 3.67 24.02 -4.96
C THR B 176 2.78 24.66 -6.01
N TRP B 177 2.81 26.00 -6.10
CA TRP B 177 1.98 26.67 -7.10
C TRP B 177 2.53 26.48 -8.50
N THR B 178 3.84 26.65 -8.67
CA THR B 178 4.47 26.49 -9.98
C THR B 178 5.07 25.09 -10.11
N TYR B 179 4.19 24.10 -10.00
CA TYR B 179 4.58 22.69 -10.16
C TYR B 179 3.37 21.93 -10.69
N ARG B 180 3.40 21.60 -11.98
CA ARG B 180 2.33 20.83 -12.60
C ARG B 180 2.38 19.39 -12.11
N GLN B 181 1.60 19.09 -11.07
CA GLN B 181 1.65 17.77 -10.45
C GLN B 181 1.25 16.70 -11.45
N GLY B 182 2.04 15.61 -11.49
CA GLY B 182 1.85 14.57 -12.47
C GLY B 182 2.44 14.86 -13.83
N TYR B 183 2.89 16.09 -14.07
CA TYR B 183 3.47 16.48 -15.36
C TYR B 183 4.94 16.83 -15.23
N ASP B 184 5.29 17.76 -14.35
CA ASP B 184 6.69 18.11 -14.15
C ASP B 184 7.35 17.13 -13.18
N VAL B 185 8.67 17.01 -13.31
CA VAL B 185 9.47 16.14 -12.47
C VAL B 185 10.37 17.01 -11.60
N SER B 186 10.38 16.74 -10.30
CA SER B 186 11.24 17.47 -9.37
C SER B 186 12.58 16.73 -9.29
N ILE B 187 13.62 17.35 -9.83
CA ILE B 187 14.96 16.77 -9.83
C ILE B 187 15.84 17.57 -8.88
N PRO B 188 16.90 16.98 -8.32
CA PRO B 188 17.75 17.69 -7.38
C PRO B 188 18.67 18.68 -8.09
N VAL B 189 19.47 19.37 -7.29
CA VAL B 189 20.57 20.19 -7.76
C VAL B 189 21.85 19.40 -7.52
N TYR B 190 22.54 19.04 -8.60
CA TYR B 190 23.74 18.21 -8.47
C TYR B 190 24.89 19.03 -7.90
N SER B 191 25.46 18.57 -6.79
CA SER B 191 26.63 19.20 -6.19
C SER B 191 27.88 18.46 -6.61
N PRO B 192 28.93 19.17 -7.02
CA PRO B 192 30.17 18.48 -7.44
C PRO B 192 30.78 17.64 -6.33
N LEU B 193 30.49 17.93 -5.07
CA LEU B 193 31.04 17.15 -3.96
C LEU B 193 30.67 15.68 -4.06
N SER B 194 29.61 15.35 -4.80
CA SER B 194 29.24 13.96 -4.99
C SER B 194 30.33 13.19 -5.71
N ALA B 195 30.95 13.81 -6.71
CA ALA B 195 32.01 13.15 -7.48
C ALA B 195 33.41 13.56 -7.03
N GLU B 196 33.62 14.85 -6.71
CA GLU B 196 34.94 15.31 -6.33
C GLU B 196 35.38 14.68 -5.01
N VAL B 197 34.46 14.57 -4.04
CA VAL B 197 34.77 14.06 -2.71
C VAL B 197 34.09 12.70 -2.53
N ASP B 198 34.87 11.70 -2.17
CA ASP B 198 34.36 10.39 -1.79
C ASP B 198 34.73 10.13 -0.34
N LEU B 199 33.72 9.81 0.48
CA LEU B 199 33.87 9.69 1.92
C LEU B 199 33.44 8.30 2.38
N PRO B 200 33.91 7.85 3.54
CA PRO B 200 33.51 6.52 4.03
C PRO B 200 32.00 6.42 4.22
N GLU B 201 31.47 5.22 3.94
CA GLU B 201 30.04 4.95 3.97
C GLU B 201 29.61 4.28 5.28
N LYS B 202 30.19 4.70 6.40
CA LYS B 202 29.88 4.11 7.70
C LYS B 202 28.39 4.02 7.93
N GLY B 203 27.97 2.96 8.62
CA GLY B 203 26.58 2.70 8.86
C GLY B 203 25.96 3.66 9.85
N PRO B 204 24.62 3.72 9.85
CA PRO B 204 23.93 4.60 10.80
C PRO B 204 24.21 4.22 12.25
N GLY B 205 24.28 5.24 13.10
CA GLY B 205 24.54 5.04 14.51
C GLY B 205 24.68 6.35 15.25
N PRO B 206 25.21 6.29 16.48
CA PRO B 206 25.38 7.52 17.26
C PRO B 206 26.36 8.47 16.59
N ARG B 207 26.04 9.75 16.65
CA ARG B 207 26.89 10.79 16.08
C ARG B 207 27.16 11.87 17.12
N GLN B 208 28.22 12.65 16.86
CA GLN B 208 28.74 13.59 17.85
C GLN B 208 27.74 14.69 18.16
N TYR B 209 27.30 15.42 17.14
CA TYR B 209 26.36 16.52 17.29
C TYR B 209 25.01 16.11 16.71
N PHE B 210 23.94 16.46 17.43
CA PHE B 210 22.62 15.99 17.02
C PHE B 210 22.05 16.85 15.89
N LEU B 211 22.01 18.17 16.08
CA LEU B 211 21.45 19.09 15.10
C LEU B 211 22.56 19.98 14.56
N LEU B 212 22.57 20.19 13.24
CA LEU B 212 23.63 20.97 12.64
C LEU B 212 23.10 21.83 11.50
N SER B 213 23.61 23.06 11.42
CA SER B 213 23.34 24.01 10.35
C SER B 213 24.66 24.30 9.66
N SER B 214 24.83 23.81 8.43
CA SER B 214 26.03 24.14 7.65
C SER B 214 25.60 24.80 6.34
N GLN B 215 25.36 26.10 6.40
CA GLN B 215 25.19 26.94 5.22
C GLN B 215 25.69 28.33 5.59
N VAL B 216 26.63 28.86 4.82
CA VAL B 216 27.22 30.16 5.13
C VAL B 216 26.24 31.23 4.62
N GLY B 217 25.50 31.82 5.55
CA GLY B 217 24.64 32.94 5.22
C GLY B 217 23.38 32.43 4.56
N LEU B 218 22.47 33.38 4.26
CA LEU B 218 21.14 33.31 3.65
C LEU B 218 20.13 34.07 4.51
N HIS B 219 19.67 35.23 4.04
CA HIS B 219 18.62 36.02 4.68
C HIS B 219 18.79 36.09 6.20
N PRO B 220 19.63 37.01 6.70
CA PRO B 220 20.06 37.04 8.11
C PRO B 220 19.09 36.49 9.15
N GLU B 221 17.80 36.83 9.05
CA GLU B 221 16.83 36.36 10.05
C GLU B 221 16.94 34.85 10.26
N TYR B 222 17.23 34.09 9.20
CA TYR B 222 17.48 32.66 9.38
C TYR B 222 18.64 32.42 10.32
N ARG B 223 19.75 33.15 10.11
CA ARG B 223 20.88 33.06 11.01
C ARG B 223 20.51 33.50 12.41
N GLU B 224 19.65 34.51 12.53
CA GLU B 224 19.23 35.00 13.84
C GLU B 224 18.49 33.93 14.62
N ASP B 225 17.53 33.25 13.98
CA ASP B 225 16.81 32.19 14.69
C ASP B 225 17.71 30.99 14.94
N LEU B 226 18.65 30.70 14.03
CA LEU B 226 19.61 29.63 14.28
C LEU B 226 20.44 29.92 15.52
N GLU B 227 20.91 31.16 15.67
CA GLU B 227 21.70 31.51 16.84
C GLU B 227 20.85 31.57 18.09
N ALA B 228 19.56 31.93 17.97
CA ALA B 228 18.66 31.82 19.10
C ALA B 228 18.51 30.38 19.56
N LEU B 229 18.42 29.45 18.59
CA LEU B 229 18.42 28.04 18.94
C LEU B 229 19.71 27.63 19.63
N GLN B 230 20.86 28.10 19.13
CA GLN B 230 22.14 27.68 19.67
C GLN B 230 22.50 28.37 20.98
N VAL B 231 21.78 29.42 21.37
CA VAL B 231 22.08 30.09 22.64
C VAL B 231 21.73 29.21 23.83
N LYS B 232 20.55 28.58 23.81
CA LYS B 232 20.08 27.87 24.99
C LYS B 232 20.76 26.52 25.13
N HIS B 233 20.53 25.61 24.19
CA HIS B 233 21.16 24.30 24.22
C HIS B 233 22.37 24.25 23.27
N GLY B 234 23.37 25.06 23.60
CA GLY B 234 24.52 25.17 22.73
C GLY B 234 25.57 24.09 22.96
N GLU B 235 25.19 22.85 22.68
CA GLU B 235 26.10 21.71 22.73
C GLU B 235 25.87 20.85 21.50
N SER B 236 24.60 20.54 21.23
CA SER B 236 24.24 19.73 20.07
C SER B 236 24.18 20.57 18.80
N VAL B 237 23.43 21.67 18.83
CA VAL B 237 23.30 22.53 17.67
C VAL B 237 24.64 23.17 17.35
N LEU B 238 25.07 23.06 16.10
CA LEU B 238 26.34 23.60 15.63
C LEU B 238 26.07 24.54 14.47
N VAL B 239 26.23 25.83 14.70
CA VAL B 239 26.02 26.86 13.68
C VAL B 239 27.39 27.29 13.16
N LEU B 240 27.57 27.22 11.84
CA LEU B 240 28.87 27.48 11.23
C LEU B 240 28.71 28.32 9.98
N ASP B 241 29.83 28.88 9.54
CA ASP B 241 29.89 29.83 8.42
C ASP B 241 31.21 29.69 7.68
N LYS B 242 31.84 30.81 7.36
CA LYS B 242 33.05 30.84 6.55
C LYS B 242 34.08 31.72 7.24
N CYS B 243 35.25 31.86 6.63
CA CYS B 243 36.37 32.62 7.18
C CYS B 243 37.38 32.93 6.10
N VAL B 253 33.59 26.79 -1.39
CA VAL B 253 33.30 25.77 -2.39
C VAL B 253 33.68 24.40 -1.86
N ARG B 254 34.71 24.36 -1.01
CA ARG B 254 35.20 23.11 -0.45
C ARG B 254 35.43 23.18 1.06
N LYS B 255 35.25 24.35 1.68
CA LYS B 255 35.52 24.52 3.09
C LYS B 255 34.44 25.39 3.71
N ARG B 256 34.28 25.27 5.03
CA ARG B 256 33.40 26.12 5.82
C ARG B 256 34.16 26.46 7.09
N CYS B 257 33.52 27.23 7.98
CA CYS B 257 34.24 27.66 9.17
C CYS B 257 33.24 27.92 10.29
N HIS B 258 33.80 28.09 11.49
CA HIS B 258 33.08 28.44 12.70
C HIS B 258 33.64 29.78 13.19
N LYS B 259 33.31 30.14 14.44
CA LYS B 259 33.87 31.36 15.02
C LYS B 259 35.38 31.38 14.87
N HIS B 260 36.05 30.27 15.23
CA HIS B 260 37.48 30.16 14.98
C HIS B 260 37.85 28.85 14.26
N GLN B 261 37.11 27.78 14.55
CA GLN B 261 37.40 26.49 13.91
C GLN B 261 37.05 26.49 12.42
N VAL B 262 37.89 25.82 11.63
CA VAL B 262 37.68 25.62 10.20
C VAL B 262 37.23 24.17 9.99
N PHE B 263 36.18 23.98 9.20
CA PHE B 263 35.62 22.65 8.96
C PHE B 263 35.71 22.29 7.48
N ASP B 264 36.16 21.08 7.20
CA ASP B 264 36.20 20.59 5.82
C ASP B 264 34.78 20.25 5.37
N TYR B 265 34.52 20.51 4.09
CA TYR B 265 33.20 20.29 3.50
C TYR B 265 33.30 19.26 2.38
N PRO B 266 32.40 18.27 2.32
CA PRO B 266 31.25 18.01 3.20
C PRO B 266 31.51 16.95 4.26
N GLN B 267 32.67 16.94 4.90
CA GLN B 267 32.96 15.91 5.89
C GLN B 267 32.25 16.20 7.22
N VAL B 268 32.14 17.47 7.58
CA VAL B 268 31.47 17.88 8.83
C VAL B 268 30.05 17.34 8.89
N LEU B 269 29.39 17.18 7.75
CA LEU B 269 28.03 16.64 7.73
C LEU B 269 27.97 15.25 8.34
N GLN B 270 28.83 14.34 7.87
CA GLN B 270 28.93 12.98 8.37
C GLN B 270 28.92 12.86 9.89
N GLU B 271 29.44 13.88 10.59
CA GLU B 271 29.55 13.82 12.04
C GLU B 271 28.26 14.17 12.78
N ALA B 272 27.35 14.90 12.15
CA ALA B 272 26.11 15.34 12.80
C ALA B 272 24.91 14.61 12.20
N THR B 273 24.12 13.95 13.05
CA THR B 273 23.04 13.09 12.55
C THR B 273 21.94 13.88 11.83
N PHE B 274 21.56 15.04 12.35
CA PHE B 274 20.55 15.90 11.73
C PHE B 274 21.20 17.12 11.11
N CYS B 275 20.69 17.54 9.96
CA CYS B 275 21.30 18.60 9.17
C CYS B 275 20.23 19.59 8.74
N VAL B 276 20.35 20.84 9.18
CA VAL B 276 19.34 21.86 8.95
C VAL B 276 19.57 22.46 7.57
N VAL B 277 18.83 21.99 6.57
CA VAL B 277 18.83 22.57 5.23
C VAL B 277 17.83 23.72 5.17
N LEU B 278 18.30 24.91 4.81
CA LEU B 278 17.44 26.05 4.52
C LEU B 278 17.30 26.21 3.00
N ARG B 279 16.85 27.38 2.55
CA ARG B 279 16.65 27.59 1.12
C ARG B 279 17.29 28.91 0.66
N GLY B 280 17.09 29.98 1.42
CA GLY B 280 17.63 31.28 1.07
C GLY B 280 17.06 31.89 -0.20
N ALA B 281 17.90 32.01 -1.24
CA ALA B 281 17.46 32.67 -2.47
C ALA B 281 16.50 31.79 -3.27
N ARG B 282 16.78 30.49 -3.32
CA ARG B 282 15.99 29.55 -4.11
C ARG B 282 15.55 28.39 -3.23
N LEU B 283 14.38 27.83 -3.56
CA LEU B 283 13.89 26.68 -2.81
C LEU B 283 14.84 25.49 -2.94
N GLY B 284 15.34 25.25 -4.15
CA GLY B 284 16.27 24.17 -4.40
C GLY B 284 17.71 24.57 -4.18
N GLN B 285 18.39 23.87 -3.29
CA GLN B 285 19.80 24.13 -2.99
C GLN B 285 20.60 22.85 -3.20
N ALA B 286 21.83 23.03 -3.67
CA ALA B 286 22.69 21.88 -3.95
C ALA B 286 23.29 21.29 -2.69
N VAL B 287 22.89 21.81 -1.52
CA VAL B 287 23.27 21.20 -0.24
C VAL B 287 22.57 19.88 -0.02
N LEU B 288 21.56 19.55 -0.83
CA LEU B 288 20.76 18.35 -0.58
C LEU B 288 21.52 17.08 -0.94
N SER B 289 22.15 17.06 -2.12
CA SER B 289 23.08 15.99 -2.43
C SER B 289 24.10 15.81 -1.31
N ASP B 290 24.88 16.87 -1.05
CA ASP B 290 25.90 16.87 -0.01
C ASP B 290 25.39 16.29 1.30
N VAL B 291 24.16 16.65 1.71
CA VAL B 291 23.65 16.21 3.00
C VAL B 291 23.14 14.78 2.90
N LEU B 292 22.92 14.28 1.69
CA LEU B 292 22.49 12.90 1.53
C LEU B 292 23.69 11.96 1.55
N GLN B 293 24.74 12.30 0.79
CA GLN B 293 25.96 11.49 0.75
C GLN B 293 26.56 11.21 2.13
N ALA B 294 26.40 12.15 3.06
CA ALA B 294 26.95 11.99 4.40
C ALA B 294 26.05 11.20 5.34
N GLY B 295 24.91 10.70 4.87
CA GLY B 295 24.00 10.02 5.75
C GLY B 295 23.42 10.95 6.80
N CYS B 296 23.05 12.15 6.40
CA CYS B 296 22.39 13.12 7.25
C CYS B 296 20.93 13.24 6.84
N VAL B 297 20.03 13.07 7.81
CA VAL B 297 18.61 13.19 7.52
C VAL B 297 18.36 14.65 7.17
N PRO B 298 17.79 14.95 6.01
CA PRO B 298 17.46 16.34 5.69
C PRO B 298 16.36 16.87 6.59
N VAL B 299 16.52 18.11 7.01
CA VAL B 299 15.46 18.88 7.65
C VAL B 299 15.22 20.08 6.72
N VAL B 300 14.25 19.93 5.82
CA VAL B 300 13.92 21.02 4.91
C VAL B 300 13.17 22.11 5.65
N ILE B 301 13.51 23.36 5.33
CA ILE B 301 12.84 24.52 5.89
C ILE B 301 12.58 25.46 4.72
N ALA B 302 12.21 24.87 3.58
CA ALA B 302 11.71 25.60 2.44
C ALA B 302 10.23 25.29 2.30
N ASP B 303 9.38 26.26 2.63
CA ASP B 303 7.95 26.06 2.54
C ASP B 303 7.50 26.02 1.09
N SER B 304 6.50 25.19 0.83
CA SER B 304 5.96 24.99 -0.53
C SER B 304 7.05 24.52 -1.48
N TYR B 305 7.97 23.69 -0.99
CA TYR B 305 9.05 23.15 -1.81
C TYR B 305 8.75 21.70 -2.13
N ILE B 306 8.64 21.40 -3.42
CA ILE B 306 8.44 20.02 -3.88
C ILE B 306 9.78 19.31 -3.83
N LEU B 307 9.91 18.32 -2.95
CA LEU B 307 11.16 17.60 -2.81
C LEU B 307 11.47 16.84 -4.10
N PRO B 308 12.75 16.63 -4.40
CA PRO B 308 13.10 15.95 -5.66
C PRO B 308 12.64 14.49 -5.65
N PHE B 309 12.10 14.07 -6.79
CA PHE B 309 11.60 12.70 -6.97
C PHE B 309 10.56 12.33 -5.93
N SER B 310 9.76 13.30 -5.49
CA SER B 310 8.74 13.03 -4.48
C SER B 310 7.55 12.25 -5.01
N GLU B 311 7.43 12.12 -6.34
CA GLU B 311 6.29 11.41 -6.91
C GLU B 311 6.41 9.91 -6.69
N VAL B 312 7.61 9.35 -6.84
CA VAL B 312 7.82 7.93 -6.67
C VAL B 312 8.55 7.60 -5.37
N LEU B 313 9.39 8.49 -4.85
CA LEU B 313 10.09 8.23 -3.60
C LEU B 313 9.22 8.63 -2.42
N ASP B 314 9.46 7.98 -1.29
CA ASP B 314 8.71 8.22 -0.06
C ASP B 314 9.59 9.09 0.84
N TRP B 315 9.53 10.40 0.62
CA TRP B 315 10.35 11.32 1.40
C TRP B 315 9.93 11.42 2.85
N LYS B 316 8.74 10.93 3.21
CA LYS B 316 8.29 11.00 4.59
C LYS B 316 9.12 10.09 5.50
N ARG B 317 9.70 9.03 4.95
CA ARG B 317 10.54 8.11 5.70
C ARG B 317 12.03 8.36 5.47
N ALA B 318 12.38 9.51 4.89
CA ALA B 318 13.77 9.85 4.66
C ALA B 318 14.13 11.29 5.02
N SER B 319 13.16 12.17 5.25
CA SER B 319 13.44 13.58 5.51
C SER B 319 12.34 14.15 6.39
N VAL B 320 12.62 15.29 7.01
CA VAL B 320 11.67 15.98 7.87
C VAL B 320 11.43 17.36 7.30
N VAL B 321 10.16 17.71 7.08
CA VAL B 321 9.79 19.02 6.56
C VAL B 321 9.27 19.85 7.73
N VAL B 322 9.87 21.02 7.93
CA VAL B 322 9.52 21.92 9.01
C VAL B 322 9.09 23.25 8.41
N PRO B 323 7.95 23.81 8.80
CA PRO B 323 7.58 25.13 8.30
C PRO B 323 8.55 26.20 8.77
N GLU B 324 8.69 27.25 7.96
CA GLU B 324 9.62 28.34 8.26
C GLU B 324 9.21 29.15 9.48
N GLU B 325 8.13 28.79 10.16
CA GLU B 325 7.65 29.54 11.32
C GLU B 325 7.78 28.74 12.62
N LYS B 326 8.63 27.72 12.64
CA LYS B 326 8.80 26.84 13.80
C LYS B 326 10.28 26.67 14.13
N MET B 327 11.06 27.74 13.97
CA MET B 327 12.49 27.67 14.29
C MET B 327 12.72 27.45 15.77
N SER B 328 11.92 28.09 16.63
CA SER B 328 12.17 28.04 18.06
C SER B 328 12.05 26.64 18.65
N ASP B 329 11.34 25.73 17.99
CA ASP B 329 11.09 24.41 18.55
C ASP B 329 11.31 23.28 17.54
N VAL B 330 11.97 23.57 16.42
CA VAL B 330 12.34 22.49 15.48
C VAL B 330 13.18 21.44 16.19
N TYR B 331 14.02 21.86 17.14
CA TYR B 331 14.81 20.89 17.90
C TYR B 331 13.89 19.94 18.64
N SER B 332 12.84 20.47 19.27
CA SER B 332 11.88 19.60 19.95
C SER B 332 11.23 18.66 18.96
N ILE B 333 10.94 19.17 17.75
CA ILE B 333 10.40 18.32 16.69
C ILE B 333 11.34 17.13 16.46
N LEU B 334 12.64 17.41 16.35
CA LEU B 334 13.58 16.33 16.13
C LEU B 334 13.69 15.43 17.35
N GLN B 335 13.48 16.01 18.54
CA GLN B 335 13.45 15.19 19.75
C GLN B 335 12.29 14.19 19.72
N SER B 336 11.21 14.50 18.99
CA SER B 336 10.09 13.59 18.92
C SER B 336 10.45 12.28 18.21
N ILE B 337 11.22 12.36 17.14
CA ILE B 337 11.52 11.17 16.33
C ILE B 337 12.43 10.23 17.12
N PRO B 338 12.12 8.95 17.20
CA PRO B 338 12.96 8.01 17.95
C PRO B 338 14.20 7.61 17.15
N GLN B 339 15.08 6.87 17.82
CA GLN B 339 16.35 6.49 17.22
C GLN B 339 16.15 5.53 16.05
N ARG B 340 15.21 4.58 16.18
CA ARG B 340 15.00 3.60 15.12
C ARG B 340 14.57 4.27 13.83
N GLN B 341 13.60 5.18 13.91
CA GLN B 341 13.21 5.92 12.72
C GLN B 341 14.34 6.81 12.22
N ILE B 342 15.19 7.30 13.13
CA ILE B 342 16.33 8.10 12.71
C ILE B 342 17.27 7.29 11.84
N GLU B 343 17.56 6.05 12.25
CA GLU B 343 18.49 5.24 11.46
C GLU B 343 17.83 4.73 10.18
N GLU B 344 16.53 4.45 10.21
CA GLU B 344 15.84 4.09 8.97
C GLU B 344 15.87 5.25 7.98
N MET B 345 15.65 6.48 8.45
CA MET B 345 15.72 7.63 7.57
C MET B 345 17.15 7.87 7.09
N GLN B 346 18.15 7.61 7.92
CA GLN B 346 19.53 7.73 7.47
C GLN B 346 19.84 6.73 6.37
N ARG B 347 19.40 5.48 6.52
CA ARG B 347 19.59 4.50 5.46
C ARG B 347 18.85 4.91 4.19
N GLN B 348 17.62 5.39 4.33
CA GLN B 348 16.85 5.82 3.16
C GLN B 348 17.53 6.98 2.45
N ALA B 349 18.07 7.93 3.22
CA ALA B 349 18.79 9.06 2.63
C ALA B 349 20.06 8.60 1.92
N ARG B 350 20.81 7.69 2.56
CA ARG B 350 22.04 7.19 1.96
C ARG B 350 21.75 6.47 0.64
N TRP B 351 20.70 5.63 0.61
CA TRP B 351 20.40 4.94 -0.63
C TRP B 351 19.79 5.87 -1.67
N PHE B 352 19.04 6.89 -1.23
CA PHE B 352 18.57 7.91 -2.17
C PHE B 352 19.77 8.57 -2.85
N TRP B 353 20.79 8.90 -2.07
CA TRP B 353 22.01 9.43 -2.67
C TRP B 353 22.64 8.44 -3.64
N GLU B 354 22.85 7.20 -3.19
CA GLU B 354 23.57 6.23 -4.00
C GLU B 354 22.86 5.91 -5.31
N ALA B 355 21.53 5.99 -5.32
CA ALA B 355 20.77 5.58 -6.50
C ALA B 355 20.29 6.75 -7.35
N TYR B 356 20.12 7.93 -6.75
CA TYR B 356 19.53 9.07 -7.42
C TYR B 356 20.33 10.36 -7.27
N PHE B 357 21.19 10.47 -6.26
CA PHE B 357 21.88 11.72 -5.97
C PHE B 357 23.40 11.51 -5.99
N GLN B 358 23.89 10.75 -6.95
CA GLN B 358 25.32 10.46 -7.00
C GLN B 358 25.99 10.96 -8.26
N SER B 359 25.31 10.89 -9.40
CA SER B 359 25.83 11.40 -10.64
C SER B 359 24.65 11.85 -11.49
N ILE B 360 24.93 12.69 -12.49
CA ILE B 360 23.88 13.12 -13.39
C ILE B 360 23.29 11.94 -14.13
N LYS B 361 24.05 10.84 -14.25
CA LYS B 361 23.51 9.61 -14.83
C LYS B 361 22.35 9.09 -13.99
N ALA B 362 22.52 9.07 -12.67
CA ALA B 362 21.45 8.60 -11.79
C ALA B 362 20.22 9.49 -11.91
N ILE B 363 20.44 10.81 -11.98
CA ILE B 363 19.33 11.74 -12.11
C ILE B 363 18.57 11.49 -13.41
N ALA B 364 19.30 11.34 -14.52
CA ALA B 364 18.66 11.11 -15.80
C ALA B 364 17.88 9.80 -15.81
N LEU B 365 18.48 8.74 -15.27
CA LEU B 365 17.80 7.45 -15.24
C LEU B 365 16.54 7.51 -14.38
N ALA B 366 16.62 8.15 -13.22
CA ALA B 366 15.44 8.27 -12.36
C ALA B 366 14.35 9.08 -13.03
N THR B 367 14.71 10.18 -13.67
CA THR B 367 13.70 11.02 -14.32
C THR B 367 13.02 10.28 -15.46
N LEU B 368 13.81 9.62 -16.32
CA LEU B 368 13.23 8.88 -17.42
C LEU B 368 12.39 7.71 -16.93
N GLN B 369 12.80 7.07 -15.83
CA GLN B 369 12.01 5.98 -15.28
C GLN B 369 10.70 6.47 -14.68
N ILE B 370 10.71 7.66 -14.07
CA ILE B 370 9.48 8.24 -13.55
C ILE B 370 8.52 8.55 -14.69
N ILE B 371 9.03 9.15 -15.77
CA ILE B 371 8.17 9.46 -16.90
C ILE B 371 7.66 8.18 -17.56
N ASN B 372 8.48 7.14 -17.59
CA ASN B 372 8.04 5.85 -18.11
C ASN B 372 6.94 5.24 -17.25
N ASP B 373 7.09 5.33 -15.92
CA ASP B 373 6.06 4.85 -15.01
C ASP B 373 4.75 5.61 -15.23
N ARG B 374 4.83 6.92 -15.38
CA ARG B 374 3.62 7.71 -15.63
C ARG B 374 2.97 7.33 -16.95
N ILE B 375 3.77 7.12 -17.99
CA ILE B 375 3.19 6.84 -19.31
C ILE B 375 2.80 5.37 -19.47
N TYR B 376 3.33 4.48 -18.64
CA TYR B 376 3.00 3.05 -18.68
C TYR B 376 2.66 2.57 -17.28
N PRO B 377 1.50 2.97 -16.74
CA PRO B 377 1.16 2.58 -15.37
C PRO B 377 1.03 1.08 -15.18
N TYR B 378 0.59 0.34 -16.21
CA TYR B 378 0.41 -1.10 -16.06
C TYR B 378 1.75 -1.81 -15.91
N ALA B 379 2.77 -1.36 -16.65
CA ALA B 379 4.10 -1.95 -16.59
C ALA B 379 5.08 -1.09 -15.79
N ALA B 380 4.58 -0.37 -14.79
CA ALA B 380 5.40 0.56 -14.03
C ALA B 380 6.12 -0.16 -12.89
N ILE B 381 7.33 0.31 -12.59
CA ILE B 381 8.12 -0.27 -11.52
C ILE B 381 7.41 -0.05 -10.18
N SER B 382 7.50 -1.05 -9.31
CA SER B 382 6.77 -1.02 -8.06
C SER B 382 7.40 -0.04 -7.07
N TYR B 383 6.68 0.19 -5.97
CA TYR B 383 7.17 1.06 -4.91
C TYR B 383 8.44 0.51 -4.27
N GLU B 384 8.49 -0.81 -4.08
CA GLU B 384 9.65 -1.41 -3.43
C GLU B 384 10.92 -1.20 -4.23
N GLU B 385 10.83 -1.36 -5.56
CA GLU B 385 12.01 -1.11 -6.39
C GLU B 385 12.43 0.35 -6.34
N TRP B 386 11.48 1.26 -6.14
CA TRP B 386 11.82 2.68 -6.07
C TRP B 386 12.47 3.04 -4.75
N ASN B 387 11.98 2.49 -3.64
CA ASN B 387 12.32 3.01 -2.32
C ASN B 387 13.13 2.05 -1.45
N ASP B 388 13.48 0.86 -1.94
CA ASP B 388 14.21 -0.07 -1.11
C ASP B 388 15.66 -0.16 -1.52
N PRO B 389 16.62 0.04 -0.60
CA PRO B 389 18.00 -0.32 -0.90
C PRO B 389 18.14 -1.82 -1.05
N PRO B 390 19.15 -2.28 -1.80
CA PRO B 390 19.29 -3.74 -2.02
C PRO B 390 19.43 -4.54 -0.74
N ALA B 391 20.04 -3.96 0.31
CA ALA B 391 20.22 -4.69 1.55
C ALA B 391 18.89 -5.12 2.13
N VAL B 392 17.90 -4.23 2.15
CA VAL B 392 16.57 -4.59 2.59
C VAL B 392 15.73 -5.21 1.47
N LYS B 393 16.07 -4.92 0.21
CA LYS B 393 15.33 -5.52 -0.89
C LYS B 393 15.53 -7.02 -0.96
N TRP B 394 16.71 -7.50 -0.52
CA TRP B 394 16.93 -8.94 -0.46
C TRP B 394 16.09 -9.57 0.66
N GLY B 395 16.10 -8.96 1.85
CA GLY B 395 15.42 -9.53 2.99
C GLY B 395 13.92 -9.33 3.00
N SER B 396 13.41 -8.35 2.25
CA SER B 396 11.99 -8.08 2.25
C SER B 396 11.24 -9.13 1.44
N VAL B 397 10.02 -9.43 1.89
CA VAL B 397 9.19 -10.46 1.26
C VAL B 397 7.88 -9.81 0.83
N SER B 398 7.48 -10.06 -0.41
CA SER B 398 6.21 -9.61 -0.95
C SER B 398 5.39 -10.85 -1.31
N ASN B 399 4.53 -11.27 -0.40
CA ASN B 399 3.73 -12.48 -0.60
C ASN B 399 2.77 -12.30 -1.77
N PRO B 400 2.83 -13.16 -2.79
CA PRO B 400 1.91 -13.00 -3.93
C PRO B 400 0.44 -13.14 -3.54
N LEU B 401 0.13 -13.99 -2.56
CA LEU B 401 -1.22 -14.16 -2.06
C LEU B 401 -1.33 -13.43 -0.72
N PHE B 402 -1.54 -12.12 -0.80
CA PHE B 402 -1.56 -11.27 0.39
C PHE B 402 -2.96 -10.96 0.88
N LEU B 403 -3.98 -11.17 0.05
CA LEU B 403 -5.36 -10.94 0.48
C LEU B 403 -5.76 -11.98 1.51
N PRO B 404 -6.16 -11.57 2.72
CA PRO B 404 -6.48 -12.54 3.79
C PRO B 404 -7.88 -13.13 3.64
N LEU B 405 -8.15 -13.74 2.50
CA LEU B 405 -9.43 -14.40 2.28
C LEU B 405 -9.51 -15.71 3.06
N ILE B 406 -10.74 -16.20 3.21
CA ILE B 406 -10.99 -17.56 3.68
C ILE B 406 -12.01 -18.20 2.74
N PRO B 407 -11.62 -19.20 1.95
CA PRO B 407 -12.54 -19.79 0.98
C PRO B 407 -13.66 -20.56 1.66
N PRO B 408 -14.81 -20.70 1.00
CA PRO B 408 -15.91 -21.46 1.59
C PRO B 408 -15.63 -22.95 1.59
N GLN B 409 -16.50 -23.69 2.28
CA GLN B 409 -16.38 -25.14 2.38
C GLN B 409 -17.21 -25.85 1.31
N SER B 410 -17.10 -25.41 0.06
CA SER B 410 -17.96 -25.96 -0.97
C SER B 410 -17.18 -26.37 -2.21
N GLN B 411 -16.08 -25.67 -2.49
CA GLN B 411 -15.32 -25.95 -3.70
C GLN B 411 -14.55 -27.26 -3.60
N GLY B 412 -14.11 -27.62 -2.39
CA GLY B 412 -13.30 -28.82 -2.19
C GLY B 412 -11.87 -28.62 -2.65
N PHE B 413 -11.06 -29.65 -2.42
CA PHE B 413 -9.66 -29.67 -2.82
C PHE B 413 -9.47 -30.51 -4.08
N THR B 414 -8.21 -30.69 -4.47
CA THR B 414 -7.80 -31.56 -5.56
C THR B 414 -6.77 -32.54 -5.00
N ALA B 415 -6.75 -33.76 -5.54
CA ALA B 415 -5.85 -34.81 -5.06
C ALA B 415 -5.07 -35.41 -6.23
N ILE B 416 -3.88 -34.85 -6.48
CA ILE B 416 -3.00 -35.32 -7.54
C ILE B 416 -2.20 -36.51 -7.02
N VAL B 417 -2.49 -37.70 -7.55
CA VAL B 417 -1.80 -38.93 -7.17
C VAL B 417 -0.78 -39.27 -8.25
N LEU B 418 0.47 -39.48 -7.85
CA LEU B 418 1.52 -39.88 -8.76
C LEU B 418 2.17 -41.17 -8.28
N THR B 419 2.62 -41.97 -9.25
CA THR B 419 2.96 -43.37 -9.01
C THR B 419 3.59 -43.93 -10.27
N TYR B 420 4.38 -44.99 -10.10
CA TYR B 420 4.95 -45.71 -11.23
C TYR B 420 4.60 -47.19 -11.23
N ASP B 421 4.77 -47.90 -10.11
CA ASP B 421 4.31 -49.28 -10.00
C ASP B 421 4.05 -49.59 -8.52
N ARG B 422 2.85 -49.28 -8.05
CA ARG B 422 2.42 -49.59 -6.69
C ARG B 422 0.95 -49.99 -6.70
N VAL B 423 0.58 -50.87 -7.63
CA VAL B 423 -0.82 -51.09 -7.98
C VAL B 423 -1.67 -51.37 -6.74
N GLU B 424 -1.19 -52.26 -5.86
CA GLU B 424 -1.95 -52.58 -4.66
C GLU B 424 -2.01 -51.38 -3.71
N SER B 425 -0.86 -50.77 -3.43
CA SER B 425 -0.84 -49.60 -2.55
C SER B 425 -1.60 -48.43 -3.17
N LEU B 426 -1.47 -48.25 -4.48
CA LEU B 426 -2.24 -47.21 -5.17
C LEU B 426 -3.73 -47.46 -5.05
N PHE B 427 -4.17 -48.71 -5.20
CA PHE B 427 -5.59 -49.04 -5.06
C PHE B 427 -6.07 -48.76 -3.65
N ARG B 428 -5.28 -49.14 -2.63
CA ARG B 428 -5.67 -48.86 -1.25
C ARG B 428 -5.77 -47.36 -1.01
N VAL B 429 -4.80 -46.59 -1.52
CA VAL B 429 -4.79 -45.14 -1.33
C VAL B 429 -6.02 -44.51 -1.99
N ILE B 430 -6.32 -44.90 -3.23
CA ILE B 430 -7.44 -44.31 -3.93
C ILE B 430 -8.75 -44.69 -3.26
N THR B 431 -8.85 -45.93 -2.77
CA THR B 431 -10.06 -46.37 -2.08
C THR B 431 -10.28 -45.57 -0.79
N GLU B 432 -9.21 -45.32 -0.03
CA GLU B 432 -9.38 -44.59 1.22
C GLU B 432 -9.66 -43.11 0.96
N VAL B 433 -8.96 -42.50 0.00
CA VAL B 433 -9.17 -41.08 -0.29
C VAL B 433 -10.55 -40.85 -0.89
N SER B 434 -11.11 -41.84 -1.59
CA SER B 434 -12.43 -41.66 -2.20
C SER B 434 -13.56 -41.53 -1.18
N LYS B 435 -13.33 -41.45 0.13
CA LYS B 435 -14.42 -41.37 1.09
C LYS B 435 -14.45 -40.06 1.87
N VAL B 436 -13.64 -39.07 1.49
CA VAL B 436 -13.68 -37.77 2.16
C VAL B 436 -14.67 -36.87 1.43
N PRO B 437 -15.60 -36.24 2.15
CA PRO B 437 -16.66 -35.45 1.46
C PRO B 437 -16.12 -34.29 0.63
N SER B 438 -14.99 -33.71 1.02
CA SER B 438 -14.47 -32.53 0.33
C SER B 438 -13.67 -32.86 -0.92
N LEU B 439 -13.40 -34.14 -1.17
CA LEU B 439 -12.69 -34.56 -2.37
C LEU B 439 -13.40 -34.11 -3.64
N SER B 440 -13.17 -32.85 -4.05
CA SER B 440 -13.90 -32.29 -5.18
C SER B 440 -13.64 -33.06 -6.46
N LYS B 441 -12.52 -33.76 -6.55
CA LYS B 441 -12.06 -34.51 -7.72
C LYS B 441 -10.78 -35.21 -7.29
N LEU B 442 -10.44 -36.29 -7.98
CA LEU B 442 -9.21 -37.02 -7.68
C LEU B 442 -8.68 -37.62 -8.97
N LEU B 443 -7.58 -37.07 -9.47
CA LEU B 443 -6.97 -37.55 -10.70
C LEU B 443 -5.74 -38.39 -10.38
N VAL B 444 -5.20 -39.03 -11.42
CA VAL B 444 -4.07 -39.94 -11.28
C VAL B 444 -2.98 -39.53 -12.26
N VAL B 445 -1.72 -39.66 -11.83
CA VAL B 445 -0.57 -39.42 -12.69
C VAL B 445 0.24 -40.71 -12.74
N TRP B 446 0.26 -41.35 -13.92
CA TRP B 446 0.96 -42.62 -14.12
C TRP B 446 2.34 -42.31 -14.71
N ASN B 447 3.35 -42.30 -13.85
CA ASN B 447 4.68 -41.89 -14.30
C ASN B 447 5.41 -42.98 -15.09
N ASN B 448 4.97 -44.23 -14.99
CA ASN B 448 5.61 -45.31 -15.71
C ASN B 448 5.27 -45.27 -17.19
N GLN B 449 6.19 -45.75 -18.01
CA GLN B 449 6.00 -45.84 -19.46
C GLN B 449 5.77 -47.25 -19.96
N ASN B 450 6.51 -48.23 -19.43
CA ASN B 450 6.29 -49.62 -19.78
C ASN B 450 4.90 -50.08 -19.37
N LYS B 451 4.64 -50.11 -18.07
CA LYS B 451 3.31 -50.46 -17.57
C LYS B 451 2.30 -49.40 -18.01
N ASN B 452 1.07 -49.86 -18.26
CA ASN B 452 0.01 -48.99 -18.74
C ASN B 452 -1.17 -49.03 -17.78
N PRO B 453 -1.96 -47.96 -17.71
CA PRO B 453 -3.15 -47.93 -16.86
C PRO B 453 -4.01 -49.15 -17.07
N PRO B 454 -4.39 -49.87 -16.00
CA PRO B 454 -5.24 -51.06 -16.09
C PRO B 454 -6.69 -50.70 -16.42
N ARG B 463 -16.87 -41.85 -7.04
CA ARG B 463 -17.97 -40.89 -6.97
C ARG B 463 -17.53 -39.51 -7.43
N VAL B 464 -16.23 -39.37 -7.70
CA VAL B 464 -15.66 -38.12 -8.20
C VAL B 464 -14.88 -38.45 -9.47
N PRO B 465 -14.70 -37.50 -10.40
CA PRO B 465 -13.91 -37.76 -11.61
C PRO B 465 -12.56 -38.41 -11.31
N LEU B 466 -12.41 -39.68 -11.71
CA LEU B 466 -11.15 -40.39 -11.52
C LEU B 466 -10.29 -40.28 -12.79
N LYS B 467 -10.05 -39.04 -13.18
CA LYS B 467 -9.35 -38.77 -14.44
C LYS B 467 -7.95 -39.35 -14.40
N VAL B 468 -7.57 -40.06 -15.46
CA VAL B 468 -6.20 -40.53 -15.64
C VAL B 468 -5.58 -39.78 -16.81
N VAL B 469 -4.28 -39.50 -16.70
CA VAL B 469 -3.51 -38.84 -17.75
C VAL B 469 -2.18 -39.58 -17.85
N ARG B 470 -1.95 -40.25 -18.97
CA ARG B 470 -0.71 -41.01 -19.15
C ARG B 470 0.45 -40.04 -19.31
N THR B 471 1.33 -40.01 -18.31
CA THR B 471 2.47 -39.10 -18.32
C THR B 471 3.46 -39.49 -19.41
N ALA B 472 3.83 -38.53 -20.26
CA ALA B 472 4.71 -38.81 -21.38
C ALA B 472 6.07 -39.31 -20.92
N GLU B 473 6.72 -38.59 -20.01
CA GLU B 473 8.05 -38.94 -19.53
C GLU B 473 8.02 -39.15 -18.02
N ASN B 474 9.09 -39.72 -17.50
CA ASN B 474 9.18 -40.08 -16.09
C ASN B 474 10.05 -39.07 -15.37
N LYS B 475 9.46 -38.34 -14.43
CA LYS B 475 10.17 -37.42 -13.57
C LYS B 475 9.24 -37.00 -12.43
N LEU B 476 9.83 -36.53 -11.34
CA LEU B 476 9.05 -36.10 -10.18
C LEU B 476 8.25 -34.84 -10.48
N SER B 477 8.80 -33.94 -11.29
CA SER B 477 8.20 -32.62 -11.47
C SER B 477 6.83 -32.72 -12.13
N ASN B 478 6.47 -33.87 -12.69
CA ASN B 478 5.15 -34.03 -13.28
C ASN B 478 4.07 -33.82 -12.25
N ARG B 479 4.37 -34.04 -10.97
CA ARG B 479 3.37 -33.87 -9.93
C ARG B 479 3.05 -32.40 -9.67
N PHE B 480 3.87 -31.47 -10.17
CA PHE B 480 3.68 -30.05 -9.89
C PHE B 480 3.33 -29.24 -11.13
N PHE B 481 2.76 -29.87 -12.15
CA PHE B 481 2.43 -29.00 -13.27
C PHE B 481 1.06 -28.36 -13.05
N PRO B 482 0.85 -27.14 -13.54
CA PRO B 482 -0.49 -26.53 -13.43
C PRO B 482 -1.47 -27.14 -14.40
N TYR B 483 -1.96 -28.34 -14.09
CA TYR B 483 -2.97 -28.97 -14.93
C TYR B 483 -4.25 -28.15 -14.95
N ASP B 484 -4.81 -27.97 -16.14
CA ASP B 484 -6.10 -27.30 -16.26
C ASP B 484 -7.23 -28.12 -15.65
N GLU B 485 -6.99 -29.41 -15.38
CA GLU B 485 -8.01 -30.26 -14.79
C GLU B 485 -8.27 -29.91 -13.33
N ILE B 486 -7.35 -29.19 -12.69
CA ILE B 486 -7.55 -28.75 -11.32
C ILE B 486 -8.55 -27.61 -11.32
N GLU B 487 -9.78 -27.90 -10.92
CA GLU B 487 -10.84 -26.90 -10.85
C GLU B 487 -10.86 -26.14 -9.53
N THR B 488 -10.04 -26.53 -8.57
CA THR B 488 -10.00 -25.90 -7.26
C THR B 488 -8.66 -25.18 -7.07
N GLU B 489 -8.54 -24.54 -5.90
CA GLU B 489 -7.27 -23.91 -5.51
C GLU B 489 -6.45 -24.78 -4.59
N ALA B 490 -7.08 -25.63 -3.79
CA ALA B 490 -6.35 -26.53 -2.92
C ALA B 490 -5.94 -27.77 -3.68
N VAL B 491 -4.67 -28.16 -3.54
CA VAL B 491 -4.14 -29.35 -4.18
C VAL B 491 -3.57 -30.24 -3.09
N LEU B 492 -3.97 -31.50 -3.09
CA LEU B 492 -3.47 -32.50 -2.14
C LEU B 492 -2.50 -33.40 -2.86
N ALA B 493 -1.22 -33.26 -2.52
CA ALA B 493 -0.16 -34.11 -3.03
C ALA B 493 -0.04 -35.28 -2.06
N ILE B 494 -0.38 -36.48 -2.53
CA ILE B 494 -0.38 -37.69 -1.74
C ILE B 494 0.47 -38.73 -2.46
N ASP B 495 1.08 -39.63 -1.68
CA ASP B 495 1.93 -40.68 -2.23
C ASP B 495 1.39 -42.04 -1.84
N ASP B 496 1.96 -43.07 -2.47
CA ASP B 496 1.47 -44.43 -2.31
C ASP B 496 1.79 -44.98 -0.92
N ASP B 497 2.89 -44.54 -0.33
CA ASP B 497 3.33 -45.03 0.97
C ASP B 497 2.55 -44.43 2.13
N ILE B 498 1.42 -43.78 1.86
CA ILE B 498 0.68 -43.01 2.85
C ILE B 498 -0.67 -43.68 3.08
N ILE B 499 -0.71 -45.01 3.04
CA ILE B 499 -1.92 -45.78 3.28
C ILE B 499 -2.33 -45.66 4.75
N MET B 500 -1.54 -44.91 5.52
CA MET B 500 -1.75 -44.75 6.96
C MET B 500 -2.64 -43.56 7.31
N LEU B 501 -3.21 -42.88 6.31
CA LEU B 501 -4.02 -41.69 6.54
C LEU B 501 -5.49 -42.00 6.30
N THR B 502 -6.33 -41.63 7.27
CA THR B 502 -7.77 -41.76 7.15
C THR B 502 -8.38 -40.48 6.60
N SER B 503 -9.57 -40.62 6.00
CA SER B 503 -10.23 -39.49 5.38
C SER B 503 -10.59 -38.39 6.38
N ASP B 504 -10.75 -38.74 7.65
CA ASP B 504 -11.01 -37.73 8.67
C ASP B 504 -9.88 -36.70 8.72
N GLU B 505 -8.63 -37.19 8.75
CA GLU B 505 -7.50 -36.28 8.82
C GLU B 505 -7.29 -35.52 7.51
N LEU B 506 -7.66 -36.12 6.38
CA LEU B 506 -7.62 -35.38 5.11
C LEU B 506 -8.62 -34.23 5.13
N GLN B 507 -9.84 -34.47 5.62
CA GLN B 507 -10.81 -33.40 5.75
C GLN B 507 -10.33 -32.33 6.70
N PHE B 508 -9.73 -32.72 7.83
CA PHE B 508 -9.23 -31.73 8.77
C PHE B 508 -8.09 -30.93 8.17
N GLY B 509 -7.24 -31.57 7.37
CA GLY B 509 -6.18 -30.85 6.70
C GLY B 509 -6.71 -29.84 5.69
N TYR B 510 -7.76 -30.22 4.97
CA TYR B 510 -8.40 -29.25 4.07
C TYR B 510 -9.00 -28.10 4.86
N GLU B 511 -9.60 -28.39 6.01
CA GLU B 511 -10.15 -27.33 6.86
C GLU B 511 -9.07 -26.38 7.33
N VAL B 512 -7.92 -26.90 7.73
CA VAL B 512 -6.82 -26.06 8.19
C VAL B 512 -6.25 -25.24 7.03
N TRP B 513 -6.17 -25.86 5.84
CA TRP B 513 -5.72 -25.13 4.66
C TRP B 513 -6.66 -23.98 4.33
N ARG B 514 -7.95 -24.16 4.60
CA ARG B 514 -8.91 -23.09 4.33
C ARG B 514 -8.59 -21.83 5.11
N GLU B 515 -7.98 -21.96 6.29
CA GLU B 515 -7.60 -20.79 7.07
C GLU B 515 -6.34 -20.12 6.53
N PHE B 516 -5.45 -20.89 5.90
CA PHE B 516 -4.20 -20.37 5.34
C PHE B 516 -4.09 -20.80 3.89
N PRO B 517 -4.85 -20.16 3.00
CA PRO B 517 -4.84 -20.58 1.58
C PRO B 517 -3.54 -20.29 0.84
N ASP B 518 -2.56 -19.68 1.50
CA ASP B 518 -1.27 -19.38 0.88
C ASP B 518 -0.12 -20.05 1.59
N ARG B 519 -0.37 -21.02 2.45
CA ARG B 519 0.67 -21.69 3.21
C ARG B 519 0.73 -23.17 2.84
N LEU B 520 1.67 -23.87 3.49
CA LEU B 520 1.94 -25.28 3.25
C LEU B 520 1.39 -26.05 4.45
N VAL B 521 0.33 -26.84 4.23
CA VAL B 521 -0.35 -27.51 5.34
C VAL B 521 -0.21 -29.01 5.10
N GLY B 522 0.68 -29.67 5.85
CA GLY B 522 0.94 -31.07 5.59
C GLY B 522 1.21 -31.84 6.87
N TYR B 523 1.30 -33.16 6.71
CA TYR B 523 1.41 -34.07 7.85
C TYR B 523 2.84 -34.50 8.17
N PRO B 524 3.69 -34.85 7.16
CA PRO B 524 5.04 -35.33 7.48
C PRO B 524 5.98 -34.18 7.84
N GLY B 525 6.36 -34.10 9.12
CA GLY B 525 7.18 -33.01 9.60
C GLY B 525 8.65 -33.34 9.50
N ARG B 526 9.42 -32.40 8.95
CA ARG B 526 10.86 -32.55 8.77
C ARG B 526 11.56 -31.27 9.21
N LEU B 527 12.81 -31.40 9.64
CA LEU B 527 13.56 -30.27 10.15
C LEU B 527 14.92 -30.16 9.48
N HIS B 528 15.42 -28.93 9.35
CA HIS B 528 16.80 -28.68 8.98
C HIS B 528 17.55 -28.07 10.15
N LEU B 529 18.84 -28.36 10.24
CA LEU B 529 19.69 -27.77 11.26
C LEU B 529 21.01 -27.35 10.63
N TRP B 530 21.87 -26.72 11.42
CA TRP B 530 23.16 -26.23 10.96
C TRP B 530 24.27 -26.91 11.73
N ASP B 531 25.23 -27.48 11.00
CA ASP B 531 26.44 -28.08 11.56
C ASP B 531 27.59 -27.11 11.32
N HIS B 532 27.92 -26.34 12.37
CA HIS B 532 29.07 -25.44 12.29
C HIS B 532 30.38 -26.23 12.13
N GLU B 533 30.46 -27.39 12.78
CA GLU B 533 31.66 -28.22 12.65
C GLU B 533 31.82 -28.69 11.20
N MET B 534 30.72 -29.06 10.55
CA MET B 534 30.75 -29.42 9.14
C MET B 534 30.49 -28.24 8.23
N ASN B 535 30.11 -27.09 8.80
CA ASN B 535 29.82 -25.88 8.03
C ASN B 535 28.78 -26.13 6.95
N LYS B 536 27.77 -26.93 7.28
CA LYS B 536 26.75 -27.28 6.30
C LYS B 536 25.42 -27.54 6.99
N TRP B 537 24.34 -27.47 6.24
CA TRP B 537 23.04 -27.83 6.79
C TRP B 537 22.87 -29.34 6.79
N LYS B 538 22.06 -29.81 7.73
CA LYS B 538 21.72 -31.24 7.84
C LYS B 538 20.23 -31.44 7.60
N TYR B 539 19.81 -32.70 7.63
CA TYR B 539 18.42 -33.10 7.46
C TYR B 539 18.00 -33.98 8.62
N GLU B 540 16.92 -33.61 9.30
CA GLU B 540 16.36 -34.38 10.40
C GLU B 540 14.96 -34.86 10.03
N SER B 541 14.74 -36.17 10.19
CA SER B 541 13.41 -36.75 10.08
C SER B 541 12.93 -37.36 11.39
N GLU B 542 13.77 -37.40 12.42
CA GLU B 542 13.42 -37.98 13.71
C GLU B 542 12.54 -37.03 14.49
N TRP B 543 11.91 -37.56 15.54
CA TRP B 543 11.01 -36.76 16.37
C TRP B 543 11.77 -35.62 17.03
N THR B 544 11.46 -34.40 16.63
CA THR B 544 12.16 -33.20 17.09
C THR B 544 11.16 -32.13 17.48
N ASN B 545 11.61 -31.19 18.30
CA ASN B 545 10.77 -30.14 18.85
C ASN B 545 10.50 -29.00 17.87
N GLU B 546 11.06 -29.02 16.67
CA GLU B 546 10.83 -27.96 15.70
C GLU B 546 10.50 -28.57 14.34
N VAL B 547 9.79 -27.79 13.52
CA VAL B 547 9.40 -28.21 12.18
C VAL B 547 9.71 -27.08 11.22
N SER B 548 10.29 -27.43 10.07
CA SER B 548 10.54 -26.46 9.01
C SER B 548 10.07 -26.91 7.64
N MET B 549 9.66 -28.17 7.48
CA MET B 549 9.26 -28.70 6.19
C MET B 549 8.10 -29.66 6.35
N VAL B 550 7.33 -29.82 5.28
CA VAL B 550 6.32 -30.87 5.17
C VAL B 550 6.51 -31.56 3.83
N LEU B 551 6.76 -32.87 3.87
CA LEU B 551 6.99 -33.60 2.63
C LEU B 551 5.71 -33.63 1.81
N THR B 552 5.88 -33.67 0.49
CA THR B 552 4.73 -33.67 -0.40
C THR B 552 4.10 -35.05 -0.54
N GLY B 553 4.45 -35.98 0.33
CA GLY B 553 3.76 -37.26 0.40
C GLY B 553 2.35 -37.15 0.93
N ALA B 554 2.05 -36.11 1.73
CA ALA B 554 0.69 -35.82 2.14
C ALA B 554 0.63 -34.33 2.50
N ALA B 555 0.12 -33.51 1.58
CA ALA B 555 0.16 -32.08 1.82
C ALA B 555 -0.91 -31.36 1.02
N PHE B 556 -1.56 -30.38 1.67
CA PHE B 556 -2.46 -29.43 1.03
C PHE B 556 -1.68 -28.14 0.78
N TYR B 557 -1.67 -27.70 -0.48
CA TYR B 557 -1.01 -26.46 -0.84
C TYR B 557 -1.82 -25.75 -1.92
N HIS B 558 -1.63 -24.43 -1.98
CA HIS B 558 -2.32 -23.62 -2.98
C HIS B 558 -1.92 -24.05 -4.38
N LYS B 559 -2.90 -24.09 -5.29
CA LYS B 559 -2.62 -24.48 -6.67
C LYS B 559 -1.58 -23.57 -7.30
N TYR B 560 -1.46 -22.33 -6.82
CA TYR B 560 -0.47 -21.40 -7.35
C TYR B 560 0.94 -21.93 -7.18
N PHE B 561 1.18 -22.82 -6.21
CA PHE B 561 2.53 -23.32 -5.99
C PHE B 561 2.96 -24.27 -7.10
N ASN B 562 2.01 -24.95 -7.76
CA ASN B 562 2.37 -25.72 -8.95
C ASN B 562 2.91 -24.81 -10.05
N TYR B 563 2.19 -23.71 -10.32
CA TYR B 563 2.70 -22.71 -11.26
C TYR B 563 4.06 -22.19 -10.84
N LEU B 564 4.24 -21.95 -9.54
CA LEU B 564 5.54 -21.51 -9.03
C LEU B 564 6.62 -22.53 -9.35
N TYR B 565 6.38 -23.80 -9.00
CA TYR B 565 7.40 -24.83 -9.15
C TYR B 565 7.78 -25.03 -10.61
N THR B 566 6.77 -25.14 -11.49
CA THR B 566 7.03 -25.47 -12.88
C THR B 566 6.91 -24.26 -13.81
N TYR B 567 7.08 -23.05 -13.28
CA TYR B 567 7.25 -21.88 -14.14
C TYR B 567 8.27 -20.87 -13.63
N LYS B 568 8.65 -20.90 -12.35
CA LYS B 568 9.57 -19.91 -11.78
C LYS B 568 10.32 -20.58 -10.64
N MET B 569 11.53 -21.06 -10.94
CA MET B 569 12.36 -21.67 -9.91
C MET B 569 13.74 -21.04 -9.94
N PRO B 570 14.35 -20.79 -8.78
CA PRO B 570 15.70 -20.21 -8.77
C PRO B 570 16.73 -21.20 -9.31
N GLY B 571 17.53 -20.73 -10.26
CA GLY B 571 18.56 -21.59 -10.83
C GLY B 571 17.98 -22.76 -11.60
N ASP B 572 18.64 -23.91 -11.49
CA ASP B 572 18.26 -25.11 -12.20
C ASP B 572 17.70 -26.19 -11.26
N ILE B 573 17.00 -25.77 -10.20
CA ILE B 573 16.61 -26.69 -9.15
C ILE B 573 15.66 -27.77 -9.68
N LYS B 574 14.70 -27.38 -10.52
CA LYS B 574 13.73 -28.36 -11.01
C LYS B 574 14.39 -29.45 -11.83
N ASN B 575 15.18 -29.05 -12.84
CA ASN B 575 15.83 -30.04 -13.70
C ASN B 575 16.89 -30.84 -12.93
N TRP B 576 17.59 -30.20 -12.00
CA TRP B 576 18.56 -30.91 -11.19
C TRP B 576 17.87 -31.97 -10.33
N VAL B 577 16.73 -31.62 -9.73
CA VAL B 577 16.05 -32.54 -8.82
C VAL B 577 15.29 -33.64 -9.57
N ASP B 578 14.89 -33.41 -10.82
CA ASP B 578 14.29 -34.49 -11.59
C ASP B 578 15.33 -35.36 -12.29
N ALA B 579 16.53 -34.83 -12.53
CA ALA B 579 17.64 -35.69 -12.95
C ALA B 579 17.99 -36.67 -11.85
N HIS B 580 18.00 -36.22 -10.60
CA HIS B 580 18.08 -37.10 -9.45
C HIS B 580 16.72 -37.77 -9.21
N MET B 581 16.66 -38.63 -8.20
CA MET B 581 15.48 -39.45 -7.96
C MET B 581 14.68 -39.02 -6.73
N ASN B 582 15.22 -38.15 -5.89
CA ASN B 582 14.55 -37.74 -4.67
C ASN B 582 14.77 -36.24 -4.47
N CYS B 583 14.54 -35.77 -3.24
CA CYS B 583 14.73 -34.39 -2.83
C CYS B 583 13.77 -33.41 -3.48
N GLU B 584 12.60 -33.88 -3.94
CA GLU B 584 11.60 -32.98 -4.48
C GLU B 584 10.71 -32.38 -3.40
N ASP B 585 10.53 -33.09 -2.29
CA ASP B 585 9.70 -32.61 -1.20
C ASP B 585 10.43 -31.61 -0.30
N ILE B 586 11.59 -31.12 -0.74
CA ILE B 586 12.31 -30.08 -0.02
C ILE B 586 12.36 -28.82 -0.89
N ALA B 587 12.40 -29.02 -2.20
CA ALA B 587 12.41 -27.87 -3.12
C ALA B 587 11.12 -27.08 -3.04
N MET B 588 9.98 -27.77 -2.94
CA MET B 588 8.71 -27.07 -2.81
C MET B 588 8.65 -26.26 -1.51
N ASN B 589 9.12 -26.85 -0.41
CA ASN B 589 9.13 -26.14 0.86
C ASN B 589 10.05 -24.92 0.80
N PHE B 590 11.22 -25.08 0.19
CA PHE B 590 12.13 -23.96 0.01
C PHE B 590 11.46 -22.84 -0.78
N LEU B 591 10.81 -23.20 -1.89
CA LEU B 591 10.17 -22.19 -2.73
C LEU B 591 9.05 -21.48 -1.98
N VAL B 592 8.22 -22.24 -1.24
CA VAL B 592 7.12 -21.63 -0.51
C VAL B 592 7.64 -20.68 0.57
N ALA B 593 8.63 -21.13 1.35
CA ALA B 593 9.16 -20.29 2.40
C ALA B 593 9.86 -19.05 1.84
N ASN B 594 10.43 -19.15 0.64
CA ASN B 594 11.07 -17.99 0.03
C ASN B 594 10.02 -16.99 -0.45
N VAL B 595 8.98 -17.47 -1.15
CA VAL B 595 8.04 -16.55 -1.78
C VAL B 595 7.09 -15.93 -0.76
N THR B 596 6.64 -16.71 0.22
CA THR B 596 5.65 -16.20 1.16
C THR B 596 6.26 -15.53 2.38
N GLY B 597 7.49 -15.87 2.74
CA GLY B 597 8.04 -15.38 4.00
C GLY B 597 7.23 -15.81 5.20
N LYS B 598 6.67 -17.01 5.16
CA LYS B 598 5.83 -17.52 6.23
C LYS B 598 6.23 -18.96 6.51
N ALA B 599 5.72 -19.50 7.61
CA ALA B 599 6.09 -20.81 8.09
C ALA B 599 5.11 -21.88 7.57
N VAL B 600 5.14 -23.05 8.19
CA VAL B 600 4.42 -24.23 7.72
C VAL B 600 3.47 -24.69 8.81
N ILE B 601 2.39 -25.35 8.41
CA ILE B 601 1.44 -25.94 9.36
C ILE B 601 1.52 -27.46 9.24
N LYS B 602 2.07 -28.10 10.26
CA LYS B 602 2.07 -29.55 10.34
C LYS B 602 0.80 -29.99 11.06
N VAL B 603 0.08 -30.94 10.47
CA VAL B 603 -1.22 -31.36 10.98
C VAL B 603 -1.09 -32.76 11.57
N THR B 604 -1.08 -32.84 12.91
CA THR B 604 -1.14 -34.06 13.70
C THR B 604 0.19 -34.80 13.65
N PRO B 605 0.50 -35.64 14.66
CA PRO B 605 1.76 -36.39 14.61
C PRO B 605 1.74 -37.48 13.57
N ARG B 606 2.44 -37.26 12.45
CA ARG B 606 2.51 -38.16 11.29
C ARG B 606 1.31 -39.07 11.11
N VAL B 628 20.85 -40.80 -2.87
CA VAL B 628 21.22 -39.40 -2.76
C VAL B 628 20.89 -38.86 -1.37
N GLU B 629 21.92 -38.44 -0.65
CA GLU B 629 21.73 -37.89 0.68
C GLU B 629 20.95 -36.58 0.61
N ARG B 630 19.98 -36.43 1.51
CA ARG B 630 19.12 -35.24 1.50
C ARG B 630 19.81 -34.01 2.06
N SER B 631 20.83 -34.18 2.91
CA SER B 631 21.58 -33.03 3.38
C SER B 631 22.30 -32.33 2.23
N GLU B 632 22.78 -33.11 1.26
CA GLU B 632 23.44 -32.52 0.10
C GLU B 632 22.48 -31.64 -0.70
N CYS B 633 21.22 -32.08 -0.85
CA CYS B 633 20.31 -31.26 -1.63
C CYS B 633 19.78 -30.09 -0.82
N ILE B 634 19.70 -30.24 0.51
CA ILE B 634 19.37 -29.10 1.36
C ILE B 634 20.44 -28.01 1.23
N ASN B 635 21.72 -28.42 1.26
CA ASN B 635 22.80 -27.46 1.13
C ASN B 635 22.84 -26.87 -0.27
N LYS B 636 22.55 -27.66 -1.29
CA LYS B 636 22.47 -27.13 -2.65
C LYS B 636 21.37 -26.09 -2.78
N PHE B 637 20.20 -26.37 -2.18
CA PHE B 637 19.10 -25.40 -2.21
C PHE B 637 19.47 -24.12 -1.48
N ALA B 638 20.10 -24.25 -0.31
CA ALA B 638 20.52 -23.07 0.43
C ALA B 638 21.53 -22.24 -0.36
N SER B 639 22.48 -22.91 -1.03
CA SER B 639 23.48 -22.19 -1.82
C SER B 639 22.84 -21.49 -3.01
N VAL B 640 21.90 -22.16 -3.69
CA VAL B 640 21.29 -21.54 -4.87
C VAL B 640 20.38 -20.39 -4.46
N PHE B 641 19.74 -20.47 -3.29
CA PHE B 641 18.93 -19.35 -2.83
C PHE B 641 19.80 -18.20 -2.33
N GLY B 642 20.86 -18.51 -1.59
CA GLY B 642 21.70 -17.51 -0.98
C GLY B 642 21.46 -17.33 0.50
N THR B 643 20.37 -17.86 1.03
CA THR B 643 20.05 -17.81 2.45
C THR B 643 19.26 -19.05 2.81
N MET B 644 18.64 -19.04 3.99
CA MET B 644 17.80 -20.15 4.42
C MET B 644 16.35 -19.68 4.48
N PRO B 645 15.58 -19.84 3.40
CA PRO B 645 14.18 -19.40 3.41
C PRO B 645 13.34 -20.08 4.47
N LEU B 646 13.61 -21.35 4.75
CA LEU B 646 12.78 -22.10 5.69
C LEU B 646 12.81 -21.47 7.07
N LYS B 647 11.65 -21.39 7.71
CA LYS B 647 11.49 -20.80 9.02
C LYS B 647 11.17 -21.87 10.05
N VAL B 648 11.77 -21.75 11.23
CA VAL B 648 11.63 -22.73 12.29
C VAL B 648 10.49 -22.32 13.21
N VAL B 649 9.54 -23.23 13.41
CA VAL B 649 8.40 -23.01 14.29
C VAL B 649 8.21 -24.24 15.17
N GLU B 650 7.52 -24.04 16.29
CA GLU B 650 7.26 -25.09 17.26
C GLU B 650 5.77 -25.29 17.50
N HIS B 651 4.95 -25.05 16.48
CA HIS B 651 3.50 -25.09 16.62
C HIS B 651 2.89 -25.94 15.50
N ARG B 652 2.01 -26.85 15.88
CA ARG B 652 1.26 -27.67 14.94
C ARG B 652 -0.23 -27.43 15.12
N ALA B 653 -0.98 -27.57 14.03
CA ALA B 653 -2.42 -27.34 14.05
C ALA B 653 -3.15 -28.61 14.47
N ASP B 654 -3.95 -28.52 15.53
CA ASP B 654 -4.74 -29.63 16.00
C ASP B 654 -6.21 -29.24 15.91
N PRO B 655 -7.15 -30.15 16.19
CA PRO B 655 -8.56 -29.74 16.24
C PRO B 655 -8.96 -29.25 17.62
N VAL B 656 -9.99 -28.41 17.64
CA VAL B 656 -10.50 -27.88 18.89
C VAL B 656 -11.12 -28.99 19.73
N LEU B 657 -11.91 -29.86 19.10
CA LEU B 657 -12.52 -31.00 19.78
C LEU B 657 -11.67 -32.26 19.58
N TYR B 658 -10.41 -32.16 19.98
CA TYR B 658 -9.44 -33.25 19.84
C TYR B 658 -9.32 -33.97 21.17
N LYS B 659 -9.77 -35.22 21.21
CA LYS B 659 -9.71 -36.06 22.40
C LYS B 659 -10.41 -35.40 23.60
C1 NAG C . 14.43 -15.57 -1.47
C2 NAG C . 15.37 -15.05 -0.38
C3 NAG C . 16.20 -13.87 -0.92
C4 NAG C . 16.89 -14.24 -2.22
C5 NAG C . 15.87 -14.80 -3.21
C6 NAG C . 16.51 -15.31 -4.49
C7 NAG C . 14.43 -15.47 1.84
C8 NAG C . 13.65 -14.90 2.98
N2 NAG C . 14.64 -14.65 0.81
O3 NAG C . 17.16 -13.50 0.06
O4 NAG C . 17.50 -13.09 -2.79
O5 NAG C . 15.18 -15.91 -2.63
O6 NAG C . 17.19 -16.55 -4.26
O7 NAG C . 14.86 -16.62 1.85
C1 NAG C . 18.94 -13.21 -2.69
C2 NAG C . 19.57 -12.23 -3.67
C3 NAG C . 21.09 -12.30 -3.60
C4 NAG C . 21.56 -12.11 -2.15
C5 NAG C . 20.83 -13.07 -1.22
C6 NAG C . 21.13 -12.82 0.24
C7 NAG C . 19.31 -13.56 -5.73
C8 NAG C . 18.75 -13.57 -7.13
N2 NAG C . 19.11 -12.44 -5.04
O3 NAG C . 21.66 -11.31 -4.44
O4 NAG C . 22.95 -12.35 -2.05
O5 NAG C . 19.40 -12.94 -1.37
O6 NAG C . 19.94 -12.72 1.02
O7 NAG C . 19.91 -14.53 -5.27
C1 BMA C . 23.68 -11.11 -2.05
C2 BMA C . 24.63 -11.10 -0.84
C3 BMA C . 25.57 -9.89 -0.90
C4 BMA C . 26.23 -9.77 -2.28
C5 BMA C . 25.15 -9.73 -3.36
C6 BMA C . 25.72 -9.64 -4.76
O2 BMA C . 25.46 -12.25 -0.84
O3 BMA C . 26.57 -9.95 0.12
O4 BMA C . 27.00 -8.58 -2.34
O5 BMA C . 24.39 -10.95 -3.28
O6 BMA C . 24.64 -9.72 -5.69
C1 NAG D . -20.86 -17.45 -14.85
C2 NAG D . -21.93 -16.99 -13.84
C3 NAG D . -22.79 -18.17 -13.36
C4 NAG D . -23.35 -18.94 -14.56
C5 NAG D . -22.20 -19.35 -15.47
C6 NAG D . -22.67 -20.06 -16.72
C7 NAG D . -20.52 -16.63 -11.76
C8 NAG D . -20.01 -18.04 -11.81
N2 NAG D . -21.39 -16.23 -12.71
O3 NAG D . -23.87 -17.68 -12.57
O4 NAG D . -24.03 -20.10 -14.12
O5 NAG D . -21.49 -18.19 -15.91
O6 NAG D . -21.57 -20.44 -17.55
O7 NAG D . -20.16 -15.87 -10.86
N1 UDP E . -26.40 -0.48 -14.31
C2 UDP E . -26.66 -1.80 -13.99
N3 UDP E . -26.86 -2.63 -15.07
C4 UDP E . -26.84 -2.27 -16.40
C5 UDP E . -26.58 -0.90 -16.66
C6 UDP E . -26.37 -0.05 -15.62
O2 UDP E . -26.69 -2.20 -12.85
O4 UDP E . -27.05 -3.14 -17.27
C1' UDP E . -26.17 0.46 -13.22
C2' UDP E . -24.86 0.22 -12.48
O2' UDP E . -25.05 -0.72 -11.42
C3' UDP E . -24.56 1.63 -11.93
C4' UDP E . -25.07 2.53 -13.06
O4' UDP E . -26.09 1.77 -13.74
O3' UDP E . -25.25 1.88 -10.71
C5' UDP E . -24.02 2.97 -14.04
O5' UDP E . -24.56 2.86 -15.38
PA UDP E . -24.97 4.14 -16.22
O1A UDP E . -26.48 4.20 -16.41
O2A UDP E . -24.13 4.14 -17.44
O3A UDP E . -24.58 5.36 -15.28
PB UDP E . -23.32 6.28 -15.53
O1B UDP E . -23.38 7.26 -14.36
O2B UDP E . -22.14 5.31 -15.34
O3B UDP E . -23.35 6.93 -16.87
#